data_1BW0
#
_entry.id   1BW0
#
_cell.length_a   61.600
_cell.length_b   102.200
_cell.length_c   77.900
_cell.angle_alpha   90.00
_cell.angle_beta   110.30
_cell.angle_gamma   90.00
#
_symmetry.space_group_name_H-M   'P 1 21 1'
#
loop_
_entity.id
_entity.type
_entity.pdbx_description
1 polymer 'PROTEIN (TYROSINE AMINOTRANSFERASE)'
2 water water
#
_entity_poly.entity_id   1
_entity_poly.type   'polypeptide(L)'
_entity_poly.pdbx_seq_one_letter_code
;MSSWDVSMSNHAGLVFNPIRTVSDNAKPSPSPKPIIKLSVGDPTLDKNLLTSAAQIKKLKEAIDSQECNGYFPTVGSPEA
REAVATWWRNSFVHKEELKSTIVKDNVVLCSGGSHGILMAITAICDAGDYALVPQPGFPHYETVCKAYGIGMHFYNCRPE
NDWEADLDEIRRLKDDKTKLLIVTNPSNPCGSNFSRKHVEDIVRLAEELRLPLFSDEIYAGMVFKGKDPNATFTSVADFE
TTVPRVILGGTA(LLP)NLVVPGWRLGWLLYVDPHGNGPSFLEGLKRVGMLVCGPCTVVQAALGEALLNTPQEHLDQIVA
KIEESAMYLYNHIGECIGLAPTMPRGAMYLMSRIDLEKYRDIKTDVEFFEKLLEEENVQVLPGTIFHAPGFTRLTTTRPV
EVYREAVERIKAFCQRHAAV
;
_entity_poly.pdbx_strand_id   A,B
#
# COMPACT_ATOMS: atom_id res chain seq x y z
N TRP A 4 -19.21 10.25 -24.40
CA TRP A 4 -18.41 9.79 -23.26
C TRP A 4 -18.86 8.44 -22.73
N ASP A 5 -18.04 7.40 -22.90
CA ASP A 5 -18.39 6.06 -22.42
C ASP A 5 -17.27 5.49 -21.55
N VAL A 6 -17.21 5.97 -20.32
CA VAL A 6 -16.19 5.55 -19.36
C VAL A 6 -16.73 4.51 -18.39
N SER A 7 -16.14 3.32 -18.43
CA SER A 7 -16.56 2.27 -17.50
C SER A 7 -15.38 1.82 -16.65
N MET A 8 -15.73 1.23 -15.52
CA MET A 8 -14.77 0.67 -14.56
C MET A 8 -14.09 -0.53 -15.20
N SER A 9 -12.91 -0.93 -14.77
CA SER A 9 -12.31 -2.15 -15.32
C SER A 9 -13.04 -3.37 -14.77
N ASN A 10 -12.87 -4.54 -15.38
CA ASN A 10 -13.47 -5.76 -14.87
C ASN A 10 -12.78 -6.12 -13.55
N HIS A 11 -11.48 -5.93 -13.50
CA HIS A 11 -10.71 -6.11 -12.26
C HIS A 11 -11.36 -5.35 -11.12
N ALA A 12 -11.60 -4.05 -11.29
CA ALA A 12 -12.27 -3.23 -10.29
C ALA A 12 -13.69 -3.73 -10.06
N GLY A 13 -14.38 -4.12 -11.13
CA GLY A 13 -15.72 -4.65 -11.07
C GLY A 13 -15.90 -5.84 -10.13
N LEU A 14 -14.89 -6.68 -10.01
CA LEU A 14 -14.86 -7.85 -9.19
C LEU A 14 -14.46 -7.61 -7.74
N VAL A 15 -14.06 -6.40 -7.34
CA VAL A 15 -13.65 -6.17 -5.96
C VAL A 15 -14.85 -6.04 -5.03
N PHE A 16 -14.92 -6.94 -4.07
CA PHE A 16 -16.03 -6.99 -3.11
C PHE A 16 -15.55 -7.29 -1.71
N ASN A 17 -15.98 -6.47 -0.77
CA ASN A 17 -15.69 -6.68 0.64
C ASN A 17 -17.03 -6.87 1.36
N PRO A 18 -17.35 -8.12 1.67
CA PRO A 18 -18.61 -8.47 2.33
C PRO A 18 -18.86 -7.74 3.63
N ILE A 19 -17.86 -7.57 4.47
CA ILE A 19 -18.03 -6.86 5.74
C ILE A 19 -18.48 -5.42 5.51
N ARG A 20 -17.87 -4.69 4.59
CA ARG A 20 -18.29 -3.32 4.33
C ARG A 20 -19.64 -3.21 3.63
N THR A 21 -19.93 -4.09 2.68
CA THR A 21 -21.21 -4.10 1.98
C THR A 21 -22.37 -4.16 2.98
N VAL A 22 -22.34 -5.14 3.86
CA VAL A 22 -23.33 -5.30 4.93
C VAL A 22 -23.36 -4.08 5.83
N SER A 23 -22.20 -3.58 6.24
CA SER A 23 -22.10 -2.41 7.09
C SER A 23 -22.66 -1.14 6.43
N ASP A 24 -22.14 -0.79 5.26
CA ASP A 24 -22.60 0.39 4.54
C ASP A 24 -24.08 0.34 4.17
N ASN A 25 -24.63 -0.84 3.90
CA ASN A 25 -26.02 -1.01 3.54
C ASN A 25 -26.95 -1.22 4.72
N ALA A 26 -26.43 -1.21 5.93
CA ALA A 26 -27.27 -1.37 7.12
C ALA A 26 -28.16 -0.13 7.29
N LYS A 27 -29.47 -0.34 7.40
CA LYS A 27 -30.39 0.78 7.60
C LYS A 27 -30.20 1.33 9.01
N PRO A 28 -30.29 2.64 9.16
CA PRO A 28 -30.16 3.28 10.46
C PRO A 28 -31.30 2.81 11.34
N SER A 29 -31.03 2.54 12.60
CA SER A 29 -32.04 2.01 13.50
C SER A 29 -33.01 3.05 14.05
N PRO A 30 -34.29 2.69 14.07
CA PRO A 30 -35.34 3.53 14.61
C PRO A 30 -35.32 3.58 16.12
N SER A 31 -34.70 2.61 16.78
CA SER A 31 -34.62 2.53 18.22
C SER A 31 -33.81 3.64 18.85
N PRO A 32 -34.40 4.38 19.79
CA PRO A 32 -33.76 5.48 20.48
C PRO A 32 -32.91 4.99 21.65
N LYS A 33 -31.82 4.33 21.31
CA LYS A 33 -30.90 3.67 22.22
C LYS A 33 -29.51 3.86 21.64
N PRO A 34 -28.58 4.31 22.47
CA PRO A 34 -27.22 4.53 22.00
C PRO A 34 -26.71 3.26 21.35
N ILE A 35 -26.39 3.33 20.06
CA ILE A 35 -25.90 2.19 19.31
C ILE A 35 -24.75 1.47 20.02
N ILE A 36 -24.72 0.15 19.84
CA ILE A 36 -23.68 -0.66 20.43
C ILE A 36 -23.11 -1.53 19.31
N LYS A 37 -21.99 -1.08 18.76
CA LYS A 37 -21.33 -1.81 17.70
C LYS A 37 -20.46 -2.93 18.26
N LEU A 38 -20.70 -4.14 17.77
CA LEU A 38 -19.98 -5.34 18.15
C LEU A 38 -19.41 -6.03 16.90
N SER A 39 -19.48 -5.34 15.77
CA SER A 39 -19.11 -5.87 14.48
C SER A 39 -17.80 -5.35 13.92
N VAL A 40 -17.23 -4.34 14.56
CA VAL A 40 -16.01 -3.74 14.05
C VAL A 40 -14.78 -4.34 14.72
N GLY A 41 -13.97 -5.09 14.00
CA GLY A 41 -12.74 -5.67 14.52
C GLY A 41 -11.60 -4.67 14.75
N ASP A 42 -11.85 -3.60 15.48
CA ASP A 42 -10.89 -2.57 15.80
C ASP A 42 -10.70 -2.53 17.31
N PRO A 43 -9.49 -2.81 17.78
CA PRO A 43 -9.19 -2.87 19.19
C PRO A 43 -8.88 -1.56 19.88
N THR A 44 -8.95 -0.44 19.17
CA THR A 44 -8.62 0.86 19.71
C THR A 44 -9.85 1.69 20.03
N LEU A 45 -11.02 1.16 19.67
CA LEU A 45 -12.28 1.86 19.87
C LEU A 45 -12.49 2.47 21.25
N ASP A 46 -12.24 1.77 22.34
CA ASP A 46 -12.57 2.31 23.66
C ASP A 46 -11.39 2.84 24.46
N LYS A 47 -10.17 2.76 23.93
CA LYS A 47 -9.02 3.24 24.69
C LYS A 47 -8.78 2.34 25.91
N ASN A 48 -9.18 1.07 25.86
CA ASN A 48 -8.98 0.14 26.95
C ASN A 48 -7.73 -0.70 26.72
N LEU A 49 -7.30 -0.76 25.47
CA LEU A 49 -6.11 -1.49 25.04
C LEU A 49 -5.14 -0.50 24.41
N LEU A 50 -3.98 -0.28 25.00
CA LEU A 50 -3.01 0.68 24.49
C LEU A 50 -1.74 0.05 23.94
N THR A 51 -1.11 0.78 23.02
CA THR A 51 0.13 0.30 22.41
C THR A 51 1.29 0.57 23.37
N SER A 52 2.39 -0.16 23.21
CA SER A 52 3.50 -0.03 24.13
C SER A 52 4.19 1.34 24.11
N ALA A 53 4.72 1.74 25.26
CA ALA A 53 5.43 3.01 25.40
C ALA A 53 6.75 3.00 24.63
N ALA A 54 7.38 1.84 24.53
CA ALA A 54 8.62 1.67 23.79
C ALA A 54 8.39 2.00 22.31
N GLN A 55 7.26 1.55 21.76
CA GLN A 55 6.93 1.85 20.38
C GLN A 55 6.66 3.34 20.20
N ILE A 56 5.78 3.93 21.02
CA ILE A 56 5.49 5.35 20.92
C ILE A 56 6.76 6.18 20.97
N LYS A 57 7.60 5.95 21.96
CA LYS A 57 8.84 6.71 22.12
C LYS A 57 9.76 6.63 20.91
N LYS A 58 10.06 5.43 20.43
CA LYS A 58 10.93 5.29 19.26
C LYS A 58 10.32 5.97 18.04
N LEU A 59 9.03 5.78 17.77
CA LEU A 59 8.40 6.45 16.64
C LEU A 59 8.63 7.96 16.73
N LYS A 60 8.41 8.60 17.87
CA LYS A 60 8.67 10.03 18.00
C LYS A 60 10.14 10.40 17.74
N GLU A 61 11.10 9.57 18.14
CA GLU A 61 12.50 9.86 17.91
C GLU A 61 12.93 9.72 16.45
N ALA A 62 12.31 8.78 15.73
CA ALA A 62 12.63 8.59 14.31
C ALA A 62 12.15 9.81 13.52
N ILE A 63 11.01 10.36 13.90
CA ILE A 63 10.46 11.57 13.35
C ILE A 63 11.34 12.78 13.68
N ASP A 64 11.75 12.91 14.93
CA ASP A 64 12.60 14.02 15.35
C ASP A 64 13.99 13.97 14.74
N SER A 65 14.56 12.81 14.47
CA SER A 65 15.88 12.68 13.90
C SER A 65 15.99 13.10 12.45
N GLN A 66 14.88 13.22 11.73
CA GLN A 66 14.82 13.58 10.33
C GLN A 66 15.76 12.76 9.44
N GLU A 67 15.97 11.49 9.72
CA GLU A 67 16.86 10.65 8.94
C GLU A 67 16.15 9.40 8.43
N CYS A 68 14.85 9.35 8.71
CA CYS A 68 13.99 8.23 8.39
C CYS A 68 12.83 8.60 7.50
N ASN A 69 13.01 9.70 6.74
CA ASN A 69 11.98 10.20 5.86
C ASN A 69 12.21 9.84 4.39
N GLY A 70 13.42 9.40 4.05
CA GLY A 70 13.73 9.06 2.67
C GLY A 70 13.09 7.74 2.26
N TYR A 71 13.51 7.25 1.10
CA TYR A 71 13.04 5.98 0.59
C TYR A 71 13.81 4.82 1.20
N PHE A 72 13.10 3.87 1.79
CA PHE A 72 13.73 2.64 2.29
C PHE A 72 13.59 1.64 1.13
N PRO A 73 14.33 0.56 1.13
CA PRO A 73 14.20 -0.47 0.11
C PRO A 73 12.76 -0.96 0.10
N THR A 74 12.21 -1.36 -1.05
CA THR A 74 10.82 -1.78 -1.10
C THR A 74 10.50 -2.95 -0.18
N VAL A 75 11.39 -3.89 0.07
CA VAL A 75 11.17 -5.01 0.96
C VAL A 75 11.18 -4.61 2.44
N GLY A 76 11.66 -3.43 2.78
CA GLY A 76 11.75 -2.97 4.17
C GLY A 76 13.19 -2.71 4.55
N SER A 77 13.47 -1.91 5.56
CA SER A 77 14.86 -1.67 5.94
C SER A 77 15.44 -2.90 6.63
N PRO A 78 16.73 -3.11 6.46
CA PRO A 78 17.44 -4.21 7.09
C PRO A 78 17.15 -4.32 8.57
N GLU A 79 17.23 -3.19 9.26
CA GLU A 79 16.92 -3.10 10.69
C GLU A 79 15.55 -3.65 11.02
N ALA A 80 14.52 -3.24 10.28
CA ALA A 80 13.16 -3.72 10.52
C ALA A 80 13.04 -5.22 10.25
N ARG A 81 13.63 -5.67 9.14
CA ARG A 81 13.60 -7.08 8.77
C ARG A 81 14.30 -7.95 9.81
N GLU A 82 15.39 -7.46 10.41
CA GLU A 82 16.08 -8.21 11.44
C GLU A 82 15.19 -8.31 12.68
N ALA A 83 14.52 -7.23 13.08
CA ALA A 83 13.60 -7.27 14.22
C ALA A 83 12.49 -8.30 14.01
N VAL A 84 11.93 -8.39 12.81
CA VAL A 84 10.90 -9.39 12.56
C VAL A 84 11.49 -10.79 12.73
N ALA A 85 12.57 -11.09 12.04
CA ALA A 85 13.25 -12.38 12.16
C ALA A 85 13.55 -12.74 13.62
N THR A 86 14.18 -11.83 14.36
CA THR A 86 14.52 -12.05 15.75
C THR A 86 13.32 -12.28 16.66
N TRP A 87 12.30 -11.43 16.58
CA TRP A 87 11.10 -11.60 17.39
C TRP A 87 10.41 -12.93 17.10
N TRP A 88 10.21 -13.31 15.85
CA TRP A 88 9.56 -14.58 15.54
C TRP A 88 10.39 -15.77 16.03
N ARG A 89 11.68 -15.73 15.83
CA ARG A 89 12.65 -16.73 16.26
C ARG A 89 12.56 -17.02 17.76
N ASN A 90 12.72 -15.93 18.53
CA ASN A 90 12.69 -15.98 19.97
C ASN A 90 11.33 -16.37 20.54
N SER A 91 10.27 -15.82 19.97
CA SER A 91 8.95 -16.04 20.49
C SER A 91 8.32 -17.38 20.15
N PHE A 92 8.24 -17.70 18.86
CA PHE A 92 7.52 -18.86 18.36
C PHE A 92 8.32 -20.02 17.82
N VAL A 93 9.66 -19.98 17.92
CA VAL A 93 10.48 -21.10 17.47
C VAL A 93 11.15 -21.67 18.73
N HIS A 94 10.68 -22.84 19.16
CA HIS A 94 11.19 -23.44 20.38
C HIS A 94 12.28 -24.49 20.17
N LYS A 95 12.20 -25.26 19.09
CA LYS A 95 13.25 -26.23 18.78
C LYS A 95 14.50 -25.48 18.34
N GLU A 96 15.56 -25.47 19.16
CA GLU A 96 16.80 -24.76 18.90
C GLU A 96 17.40 -24.96 17.51
N GLU A 97 17.29 -26.15 16.94
CA GLU A 97 17.77 -26.50 15.62
C GLU A 97 17.06 -25.80 14.47
N LEU A 98 15.82 -25.33 14.67
CA LEU A 98 15.08 -24.62 13.63
C LEU A 98 15.27 -23.11 13.67
N LYS A 99 15.78 -22.58 14.78
CA LYS A 99 16.02 -21.15 14.95
C LYS A 99 16.89 -20.53 13.86
N SER A 100 17.86 -21.25 13.30
CA SER A 100 18.69 -20.71 12.23
C SER A 100 17.96 -20.64 10.91
N THR A 101 16.75 -21.17 10.78
CA THR A 101 15.97 -21.07 9.55
C THR A 101 15.15 -19.79 9.45
N ILE A 102 15.13 -18.96 10.48
CA ILE A 102 14.39 -17.70 10.48
C ILE A 102 15.39 -16.56 10.27
N VAL A 103 15.49 -16.01 9.06
CA VAL A 103 16.49 -14.99 8.79
C VAL A 103 15.94 -13.75 8.12
N LYS A 104 16.46 -12.59 8.49
CA LYS A 104 16.04 -11.30 7.94
C LYS A 104 15.87 -11.22 6.43
N ASP A 105 16.61 -11.95 5.62
CA ASP A 105 16.55 -11.93 4.17
C ASP A 105 15.30 -12.54 3.57
N ASN A 106 14.57 -13.31 4.36
CA ASN A 106 13.32 -13.94 3.96
C ASN A 106 12.12 -13.18 4.51
N VAL A 107 12.33 -11.93 4.90
CA VAL A 107 11.28 -11.10 5.47
C VAL A 107 10.98 -9.98 4.46
N VAL A 108 9.72 -9.89 4.08
CA VAL A 108 9.26 -8.85 3.16
C VAL A 108 8.23 -8.01 3.90
N LEU A 109 8.48 -6.70 4.01
CA LEU A 109 7.52 -5.84 4.70
C LEU A 109 6.32 -5.54 3.80
N CYS A 110 5.24 -5.06 4.39
CA CYS A 110 4.03 -4.78 3.62
C CYS A 110 3.14 -3.78 4.36
N SER A 111 2.17 -3.24 3.65
CA SER A 111 1.24 -2.24 4.16
C SER A 111 0.04 -2.88 4.86
N GLY A 112 0.30 -3.47 6.02
CA GLY A 112 -0.73 -4.10 6.83
C GLY A 112 -1.08 -5.49 6.31
N GLY A 113 -1.94 -6.20 7.02
CA GLY A 113 -2.34 -7.55 6.67
C GLY A 113 -2.96 -7.71 5.31
N SER A 114 -3.90 -6.87 4.92
CA SER A 114 -4.52 -6.92 3.60
C SER A 114 -3.55 -6.89 2.43
N HIS A 115 -2.48 -6.10 2.50
CA HIS A 115 -1.47 -6.04 1.46
C HIS A 115 -0.64 -7.33 1.40
N GLY A 116 -0.32 -7.83 2.59
CA GLY A 116 0.43 -9.08 2.72
C GLY A 116 -0.34 -10.23 2.08
N ILE A 117 -1.64 -10.31 2.33
CA ILE A 117 -2.51 -11.31 1.73
C ILE A 117 -2.51 -11.17 0.21
N LEU A 118 -2.74 -9.96 -0.26
CA LEU A 118 -2.75 -9.63 -1.69
C LEU A 118 -1.45 -10.08 -2.35
N MET A 119 -0.31 -9.75 -1.74
CA MET A 119 1.00 -10.13 -2.22
C MET A 119 1.20 -11.66 -2.22
N ALA A 120 0.85 -12.31 -1.12
CA ALA A 120 1.05 -13.76 -1.00
C ALA A 120 0.26 -14.52 -2.05
N ILE A 121 -1.00 -14.17 -2.27
CA ILE A 121 -1.79 -14.91 -3.25
C ILE A 121 -1.37 -14.63 -4.69
N THR A 122 -1.17 -13.36 -5.03
CA THR A 122 -0.83 -12.96 -6.39
C THR A 122 0.63 -13.20 -6.75
N ALA A 123 1.47 -13.53 -5.79
CA ALA A 123 2.86 -13.87 -6.08
C ALA A 123 2.95 -15.25 -6.73
N ILE A 124 2.02 -16.13 -6.38
CA ILE A 124 2.04 -17.50 -6.84
C ILE A 124 0.85 -17.98 -7.65
N CYS A 125 -0.32 -17.37 -7.58
CA CYS A 125 -1.48 -17.84 -8.33
C CYS A 125 -1.81 -16.99 -9.55
N ASP A 126 -2.07 -17.63 -10.68
CA ASP A 126 -2.44 -16.90 -11.90
C ASP A 126 -3.93 -17.11 -12.15
N ALA A 127 -4.56 -16.25 -12.95
CA ALA A 127 -5.98 -16.45 -13.21
C ALA A 127 -6.15 -17.91 -13.64
N GLY A 128 -7.19 -18.59 -13.16
CA GLY A 128 -7.40 -19.98 -13.51
C GLY A 128 -6.83 -20.95 -12.49
N ASP A 129 -5.89 -20.49 -11.67
CA ASP A 129 -5.27 -21.31 -10.63
C ASP A 129 -6.21 -21.34 -9.42
N TYR A 130 -6.00 -22.29 -8.51
CA TYR A 130 -6.89 -22.45 -7.36
C TYR A 130 -6.20 -22.39 -6.01
N ALA A 131 -6.88 -21.78 -5.03
CA ALA A 131 -6.36 -21.74 -3.67
C ALA A 131 -7.30 -22.45 -2.70
N LEU A 132 -6.73 -23.13 -1.71
CA LEU A 132 -7.54 -23.78 -0.68
C LEU A 132 -7.78 -22.79 0.46
N VAL A 133 -9.03 -22.34 0.60
CA VAL A 133 -9.40 -21.32 1.57
C VAL A 133 -10.34 -21.88 2.62
N PRO A 134 -10.16 -21.50 3.87
CA PRO A 134 -10.98 -21.98 4.97
C PRO A 134 -12.33 -21.31 5.09
N GLN A 135 -13.28 -22.00 5.70
CA GLN A 135 -14.60 -21.50 6.00
C GLN A 135 -15.04 -22.13 7.32
N PRO A 136 -15.41 -21.29 8.28
CA PRO A 136 -15.44 -19.85 8.10
C PRO A 136 -14.05 -19.26 7.94
N GLY A 137 -13.91 -18.21 7.13
CA GLY A 137 -12.62 -17.60 6.87
C GLY A 137 -12.65 -16.09 6.75
N PHE A 138 -11.51 -15.47 7.04
CA PHE A 138 -11.37 -14.00 6.94
C PHE A 138 -11.67 -13.64 5.48
N PRO A 139 -12.57 -12.68 5.26
CA PRO A 139 -13.07 -12.36 3.95
C PRO A 139 -12.08 -11.85 2.93
N HIS A 140 -10.92 -11.33 3.30
CA HIS A 140 -9.96 -10.79 2.35
C HIS A 140 -9.31 -11.81 1.43
N TYR A 141 -9.17 -13.07 1.80
CA TYR A 141 -8.60 -14.05 0.86
C TYR A 141 -9.49 -14.11 -0.38
N GLU A 142 -10.80 -14.24 -0.19
CA GLU A 142 -11.76 -14.26 -1.28
C GLU A 142 -11.80 -12.96 -2.07
N THR A 143 -11.68 -11.83 -1.39
CA THR A 143 -11.63 -10.51 -2.04
C THR A 143 -10.49 -10.46 -3.06
N VAL A 144 -9.31 -10.94 -2.68
CA VAL A 144 -8.17 -10.95 -3.59
C VAL A 144 -8.35 -11.96 -4.72
N CYS A 145 -8.73 -13.19 -4.41
CA CYS A 145 -8.92 -14.22 -5.42
C CYS A 145 -9.96 -13.85 -6.48
N LYS A 146 -11.12 -13.34 -6.07
CA LYS A 146 -12.18 -12.97 -6.98
C LYS A 146 -11.72 -11.89 -7.96
N ALA A 147 -11.03 -10.87 -7.45
CA ALA A 147 -10.54 -9.77 -8.25
C ALA A 147 -9.38 -10.11 -9.17
N TYR A 148 -8.69 -11.20 -8.90
CA TYR A 148 -7.55 -11.64 -9.71
C TYR A 148 -7.89 -12.91 -10.46
N GLY A 149 -9.19 -13.25 -10.49
CA GLY A 149 -9.69 -14.41 -11.18
C GLY A 149 -9.11 -15.72 -10.71
N ILE A 150 -8.86 -15.84 -9.41
CA ILE A 150 -8.26 -17.06 -8.84
C ILE A 150 -9.40 -17.92 -8.32
N GLY A 151 -9.36 -19.22 -8.58
CA GLY A 151 -10.43 -20.12 -8.15
C GLY A 151 -10.34 -20.34 -6.65
N MET A 152 -11.44 -20.76 -6.02
CA MET A 152 -11.38 -21.07 -4.59
C MET A 152 -12.07 -22.38 -4.23
N HIS A 153 -11.35 -23.23 -3.50
CA HIS A 153 -11.90 -24.47 -2.99
C HIS A 153 -12.08 -24.24 -1.48
N PHE A 154 -13.32 -24.24 -1.01
CA PHE A 154 -13.52 -24.04 0.43
C PHE A 154 -13.49 -25.35 1.20
N TYR A 155 -12.61 -25.41 2.18
CA TYR A 155 -12.50 -26.59 3.05
C TYR A 155 -13.11 -26.13 4.37
N ASN A 156 -13.75 -27.01 5.13
CA ASN A 156 -14.38 -26.62 6.37
C ASN A 156 -13.50 -26.62 7.60
N CYS A 157 -13.90 -25.81 8.57
CA CYS A 157 -13.31 -25.79 9.90
C CYS A 157 -14.55 -26.07 10.75
N ARG A 158 -14.62 -27.26 11.34
CA ARG A 158 -15.82 -27.70 12.04
C ARG A 158 -15.87 -27.34 13.50
N PRO A 159 -16.99 -26.77 13.95
CA PRO A 159 -17.18 -26.36 15.32
C PRO A 159 -17.20 -27.52 16.32
N GLU A 160 -17.53 -28.73 15.89
CA GLU A 160 -17.53 -29.91 16.74
C GLU A 160 -16.12 -30.30 17.21
N ASN A 161 -15.12 -30.01 16.39
CA ASN A 161 -13.74 -30.31 16.67
C ASN A 161 -12.96 -29.07 17.08
N ASP A 162 -13.59 -28.11 17.73
CA ASP A 162 -12.97 -26.87 18.17
C ASP A 162 -12.46 -26.02 17.02
N TRP A 163 -13.17 -26.03 15.90
CA TRP A 163 -12.85 -25.28 14.70
C TRP A 163 -11.63 -25.79 13.94
N GLU A 164 -11.23 -27.05 14.17
CA GLU A 164 -10.10 -27.63 13.46
C GLU A 164 -10.47 -27.81 11.99
N ALA A 165 -9.48 -27.88 11.10
CA ALA A 165 -9.80 -28.05 9.69
C ALA A 165 -10.10 -29.50 9.36
N ASP A 166 -10.99 -29.71 8.40
CA ASP A 166 -11.30 -31.06 7.95
C ASP A 166 -10.18 -31.48 7.00
N LEU A 167 -9.13 -32.10 7.52
CA LEU A 167 -7.99 -32.48 6.71
C LEU A 167 -8.34 -33.36 5.53
N ASP A 168 -9.30 -34.27 5.68
CA ASP A 168 -9.76 -35.13 4.60
C ASP A 168 -10.47 -34.35 3.50
N GLU A 169 -11.18 -33.28 3.88
CA GLU A 169 -11.86 -32.44 2.91
C GLU A 169 -10.84 -31.68 2.05
N ILE A 170 -9.75 -31.23 2.67
CA ILE A 170 -8.66 -30.60 1.95
C ILE A 170 -8.09 -31.61 0.96
N ARG A 171 -7.75 -32.80 1.45
CA ARG A 171 -7.20 -33.87 0.63
C ARG A 171 -8.05 -34.20 -0.59
N ARG A 172 -9.37 -34.38 -0.46
CA ARG A 172 -10.17 -34.72 -1.64
C ARG A 172 -10.34 -33.55 -2.59
N LEU A 173 -10.38 -32.31 -2.12
CA LEU A 173 -10.52 -31.14 -2.96
C LEU A 173 -9.32 -30.74 -3.78
N LYS A 174 -8.11 -31.07 -3.36
CA LYS A 174 -6.89 -30.67 -4.05
C LYS A 174 -6.88 -31.22 -5.48
N ASP A 175 -6.48 -30.41 -6.44
CA ASP A 175 -6.42 -30.85 -7.83
C ASP A 175 -5.18 -30.31 -8.51
N ASP A 176 -5.15 -30.42 -9.84
CA ASP A 176 -4.02 -30.03 -10.66
C ASP A 176 -3.87 -28.54 -10.84
N LYS A 177 -4.88 -27.77 -10.49
CA LYS A 177 -4.89 -26.32 -10.59
C LYS A 177 -4.62 -25.66 -9.25
N THR A 178 -4.63 -26.43 -8.17
CA THR A 178 -4.41 -25.91 -6.83
C THR A 178 -2.93 -25.64 -6.54
N LYS A 179 -2.57 -24.37 -6.37
CA LYS A 179 -1.18 -24.02 -6.13
C LYS A 179 -0.91 -23.47 -4.74
N LEU A 180 -1.92 -23.33 -3.91
CA LEU A 180 -1.72 -22.76 -2.58
C LEU A 180 -2.71 -23.24 -1.52
N LEU A 181 -2.21 -23.39 -0.29
CA LEU A 181 -3.05 -23.76 0.84
C LEU A 181 -2.95 -22.67 1.90
N ILE A 182 -4.10 -22.06 2.16
CA ILE A 182 -4.18 -20.97 3.13
C ILE A 182 -4.77 -21.44 4.45
N VAL A 183 -4.06 -21.24 5.57
CA VAL A 183 -4.56 -21.56 6.89
C VAL A 183 -4.53 -20.28 7.74
N THR A 184 -5.46 -20.19 8.69
CA THR A 184 -5.54 -19.02 9.55
C THR A 184 -5.56 -19.41 11.02
N ASN A 185 -4.55 -18.97 11.75
CA ASN A 185 -4.47 -19.35 13.17
C ASN A 185 -3.51 -18.43 13.90
N PRO A 186 -3.98 -17.91 15.03
CA PRO A 186 -5.34 -18.06 15.51
C PRO A 186 -6.35 -17.50 14.54
N SER A 187 -7.65 -17.75 14.72
CA SER A 187 -8.63 -17.37 13.72
C SER A 187 -9.60 -16.23 13.95
N ASN A 188 -9.86 -15.58 12.82
CA ASN A 188 -10.87 -14.58 12.53
C ASN A 188 -11.64 -15.21 11.36
N PRO A 189 -12.90 -15.52 11.57
CA PRO A 189 -13.65 -15.12 12.74
C PRO A 189 -13.88 -16.11 13.86
N CYS A 190 -13.36 -17.33 13.75
CA CYS A 190 -13.66 -18.38 14.72
C CYS A 190 -13.24 -18.13 16.14
N GLY A 191 -12.12 -17.44 16.35
CA GLY A 191 -11.62 -17.21 17.71
C GLY A 191 -10.89 -18.44 18.21
N SER A 192 -10.58 -19.37 17.31
CA SER A 192 -9.91 -20.60 17.64
C SER A 192 -8.39 -20.44 17.73
N ASN A 193 -7.77 -21.44 18.34
CA ASN A 193 -6.33 -21.52 18.49
C ASN A 193 -5.93 -23.00 18.31
N PHE A 194 -5.35 -23.30 17.16
CA PHE A 194 -4.97 -24.67 16.86
C PHE A 194 -3.98 -25.25 17.85
N SER A 195 -4.17 -26.55 18.14
CA SER A 195 -3.29 -27.28 19.04
C SER A 195 -2.07 -27.72 18.24
N ARG A 196 -0.95 -27.98 18.91
CA ARG A 196 0.27 -28.42 18.22
C ARG A 196 0.02 -29.60 17.28
N LYS A 197 -0.73 -30.62 17.69
CA LYS A 197 -1.04 -31.75 16.84
C LYS A 197 -1.72 -31.34 15.54
N HIS A 198 -2.77 -30.53 15.63
CA HIS A 198 -3.52 -30.10 14.45
C HIS A 198 -2.67 -29.28 13.49
N VAL A 199 -1.78 -28.42 14.00
CA VAL A 199 -0.87 -27.68 13.14
C VAL A 199 0.11 -28.65 12.47
N GLU A 200 0.73 -29.55 13.23
CA GLU A 200 1.63 -30.54 12.63
C GLU A 200 0.93 -31.34 11.53
N ASP A 201 -0.32 -31.75 11.72
CA ASP A 201 -1.08 -32.46 10.71
C ASP A 201 -1.33 -31.63 9.46
N ILE A 202 -1.54 -30.32 9.62
CA ILE A 202 -1.75 -29.46 8.46
C ILE A 202 -0.45 -29.42 7.67
N VAL A 203 0.67 -29.19 8.36
CA VAL A 203 1.97 -29.19 7.72
C VAL A 203 2.27 -30.52 7.04
N ARG A 204 2.03 -31.65 7.69
CA ARG A 204 2.30 -32.95 7.08
C ARG A 204 1.44 -33.15 5.84
N LEU A 205 0.19 -32.73 5.86
CA LEU A 205 -0.70 -32.85 4.71
C LEU A 205 -0.22 -32.04 3.51
N ALA A 206 0.28 -30.83 3.79
CA ALA A 206 0.81 -29.96 2.75
C ALA A 206 1.99 -30.65 2.07
N GLU A 207 2.87 -31.23 2.90
CA GLU A 207 4.03 -31.99 2.46
C GLU A 207 3.62 -33.08 1.48
N GLU A 208 2.68 -33.92 1.93
CA GLU A 208 2.12 -35.00 1.14
C GLU A 208 1.50 -34.53 -0.17
N LEU A 209 0.74 -33.43 -0.11
CA LEU A 209 0.05 -32.88 -1.25
C LEU A 209 0.94 -32.04 -2.17
N ARG A 210 2.14 -31.69 -1.71
CA ARG A 210 3.06 -30.88 -2.48
C ARG A 210 2.51 -29.47 -2.74
N LEU A 211 1.94 -28.87 -1.70
CA LEU A 211 1.44 -27.51 -1.75
C LEU A 211 2.24 -26.60 -0.81
N PRO A 212 2.61 -25.42 -1.30
CA PRO A 212 3.28 -24.43 -0.47
C PRO A 212 2.24 -23.96 0.53
N LEU A 213 2.65 -23.43 1.68
CA LEU A 213 1.67 -23.06 2.70
C LEU A 213 1.72 -21.60 3.14
N PHE A 214 0.58 -20.93 3.03
CA PHE A 214 0.46 -19.55 3.47
C PHE A 214 -0.34 -19.57 4.77
N SER A 215 0.34 -19.24 5.87
CA SER A 215 -0.26 -19.25 7.19
C SER A 215 -0.45 -17.84 7.72
N ASP A 216 -1.71 -17.40 7.81
CA ASP A 216 -2.00 -16.07 8.34
C ASP A 216 -1.96 -16.13 9.86
N GLU A 217 -0.82 -15.72 10.42
CA GLU A 217 -0.58 -15.78 11.85
C GLU A 217 -0.52 -14.41 12.49
N ILE A 218 -1.37 -13.49 12.02
CA ILE A 218 -1.39 -12.13 12.55
C ILE A 218 -1.81 -12.00 14.00
N TYR A 219 -2.42 -12.99 14.62
CA TYR A 219 -2.77 -13.00 16.03
C TYR A 219 -1.78 -13.86 16.83
N ALA A 220 -0.63 -14.14 16.22
CA ALA A 220 0.41 -14.96 16.82
C ALA A 220 0.56 -14.60 18.29
N GLY A 221 0.49 -15.58 19.18
CA GLY A 221 0.64 -15.34 20.60
C GLY A 221 -0.55 -14.78 21.34
N MET A 222 -1.66 -14.45 20.70
CA MET A 222 -2.82 -13.90 21.41
C MET A 222 -3.75 -15.02 21.84
N VAL A 223 -3.24 -15.83 22.74
CA VAL A 223 -3.89 -17.03 23.25
C VAL A 223 -4.28 -16.87 24.71
N PHE A 224 -5.54 -17.07 25.06
CA PHE A 224 -5.95 -16.92 26.46
C PHE A 224 -5.28 -18.00 27.31
N LYS A 225 -4.69 -17.60 28.42
CA LYS A 225 -3.99 -18.50 29.31
C LYS A 225 -4.62 -18.59 30.70
N GLY A 226 -5.89 -18.18 30.81
CA GLY A 226 -6.57 -18.12 32.08
C GLY A 226 -7.23 -19.42 32.48
N LYS A 227 -7.81 -20.11 31.51
CA LYS A 227 -8.52 -21.38 31.73
C LYS A 227 -7.59 -22.57 31.58
N ASP A 228 -6.33 -22.30 31.30
CA ASP A 228 -5.28 -23.29 31.10
C ASP A 228 -3.99 -22.53 30.83
N PRO A 229 -3.12 -22.46 31.84
CA PRO A 229 -1.84 -21.79 31.75
C PRO A 229 -0.81 -22.50 30.88
N ASN A 230 -1.14 -23.65 30.32
CA ASN A 230 -0.30 -24.43 29.44
C ASN A 230 -0.63 -24.20 27.97
N ALA A 231 -1.77 -23.57 27.74
CA ALA A 231 -2.22 -23.21 26.40
C ALA A 231 -1.19 -22.29 25.76
N THR A 232 -0.92 -22.52 24.48
CA THR A 232 0.10 -21.78 23.77
C THR A 232 -0.17 -21.72 22.27
N PHE A 233 0.55 -20.85 21.57
CA PHE A 233 0.41 -20.68 20.13
C PHE A 233 1.47 -21.50 19.39
N THR A 234 1.04 -22.17 18.34
CA THR A 234 1.92 -22.98 17.50
C THR A 234 1.98 -22.42 16.06
N SER A 235 3.10 -21.76 15.80
CA SER A 235 3.38 -21.23 14.46
C SER A 235 3.75 -22.38 13.53
N VAL A 236 3.48 -22.31 12.24
CA VAL A 236 3.88 -23.33 11.28
C VAL A 236 5.39 -23.30 11.06
N ALA A 237 6.08 -22.31 11.60
CA ALA A 237 7.49 -22.10 11.59
C ALA A 237 8.25 -23.04 12.53
N ASP A 238 7.59 -23.57 13.55
CA ASP A 238 8.22 -24.43 14.55
C ASP A 238 8.23 -25.89 14.20
N PHE A 239 8.34 -26.27 12.93
CA PHE A 239 8.33 -27.65 12.48
C PHE A 239 9.43 -28.00 11.49
N GLU A 240 9.96 -29.21 11.62
CA GLU A 240 10.94 -29.67 10.63
C GLU A 240 10.11 -30.15 9.44
N THR A 241 10.29 -29.55 8.27
CA THR A 241 9.51 -29.97 7.11
C THR A 241 10.09 -29.45 5.80
N THR A 242 9.69 -30.08 4.70
CA THR A 242 10.15 -29.69 3.37
C THR A 242 9.17 -28.75 2.70
N VAL A 243 8.13 -28.34 3.42
CA VAL A 243 7.14 -27.44 2.88
C VAL A 243 7.61 -25.99 2.92
N PRO A 244 7.53 -25.35 1.76
CA PRO A 244 7.85 -23.93 1.65
C PRO A 244 6.68 -23.17 2.30
N ARG A 245 6.97 -22.36 3.31
CA ARG A 245 5.93 -21.66 4.03
C ARG A 245 6.07 -20.14 4.01
N VAL A 246 4.95 -19.45 3.83
CA VAL A 246 4.92 -17.99 3.84
C VAL A 246 4.00 -17.59 4.99
N ILE A 247 4.54 -16.91 6.00
CA ILE A 247 3.75 -16.57 7.17
C ILE A 247 3.43 -15.09 7.27
N LEU A 248 2.16 -14.73 7.40
CA LEU A 248 1.80 -13.32 7.55
C LEU A 248 1.85 -12.96 9.04
N GLY A 249 2.52 -11.88 9.39
CA GLY A 249 2.61 -11.39 10.75
C GLY A 249 2.38 -9.88 10.70
N GLY A 250 2.39 -9.20 11.84
CA GLY A 250 2.19 -7.75 11.84
C GLY A 250 1.95 -7.22 13.23
N THR A 251 1.81 -5.90 13.37
CA THR A 251 1.58 -5.31 14.67
C THR A 251 0.15 -4.80 14.85
N ALA A 252 -0.70 -4.92 13.83
CA ALA A 252 -2.05 -4.41 13.93
C ALA A 252 -2.83 -4.95 15.13
N1 LLP A 253 -5.80 -11.49 8.81
C2 LLP A 253 -6.78 -11.64 9.74
C2' LLP A 253 -7.30 -13.02 9.96
C3 LLP A 253 -7.25 -10.55 10.42
O3 LLP A 253 -8.22 -10.69 11.35
C4 LLP A 253 -6.76 -9.30 10.19
C4' LLP A 253 -7.28 -8.10 10.98
C5 LLP A 253 -5.75 -9.17 9.25
C6 LLP A 253 -5.29 -10.25 8.56
C5' LLP A 253 -5.14 -7.80 8.93
OP4 LLP A 253 -5.86 -7.17 7.94
P LLP A 253 -5.95 -5.62 7.97
OP1 LLP A 253 -7.41 -5.47 7.89
OP2 LLP A 253 -5.25 -5.13 6.65
OP3 LLP A 253 -5.33 -4.94 9.11
N LLP A 253 -2.70 -6.25 15.41
CA LLP A 253 -3.49 -6.88 16.45
CB LLP A 253 -4.02 -8.19 15.84
CG LLP A 253 -4.68 -8.03 14.47
CD LLP A 253 -6.07 -7.46 14.53
CE LLP A 253 -6.73 -7.03 13.23
NZ LLP A 253 -6.55 -7.89 12.06
C LLP A 253 -2.80 -7.00 17.81
O LLP A 253 -3.36 -6.52 18.82
N ASN A 254 -1.57 -7.49 17.92
CA ASN A 254 -0.93 -7.64 19.21
C ASN A 254 -0.43 -6.31 19.79
N LEU A 255 -0.15 -5.30 18.98
CA LEU A 255 0.31 -4.04 19.56
C LEU A 255 -0.72 -2.93 19.37
N VAL A 256 -1.93 -3.32 19.00
CA VAL A 256 -3.08 -2.49 18.77
C VAL A 256 -2.84 -1.19 18.04
N VAL A 257 -2.16 -1.26 16.88
CA VAL A 257 -1.95 -0.14 15.99
C VAL A 257 -2.24 -0.53 14.55
N PRO A 258 -3.47 -0.94 14.23
CA PRO A 258 -3.86 -1.42 12.92
C PRO A 258 -3.83 -0.38 11.83
N GLY A 259 -4.02 0.89 12.20
CA GLY A 259 -4.00 1.96 11.24
C GLY A 259 -2.61 2.40 10.82
N TRP A 260 -1.55 1.85 11.38
CA TRP A 260 -0.18 2.22 11.05
C TRP A 260 0.30 1.47 9.81
N ARG A 261 -0.52 0.52 9.40
CA ARG A 261 -0.32 -0.24 8.18
C ARG A 261 1.08 -0.83 8.08
N LEU A 262 1.39 -1.65 9.09
CA LEU A 262 2.67 -2.33 9.12
C LEU A 262 2.45 -3.83 9.35
N GLY A 263 2.90 -4.64 8.40
CA GLY A 263 2.79 -6.09 8.54
C GLY A 263 3.99 -6.70 7.78
N TRP A 264 4.16 -8.01 7.84
CA TRP A 264 5.28 -8.59 7.10
C TRP A 264 4.94 -10.00 6.59
N LEU A 265 5.76 -10.44 5.65
CA LEU A 265 5.66 -11.80 5.13
C LEU A 265 6.99 -12.48 5.44
N LEU A 266 6.89 -13.60 6.14
CA LEU A 266 8.04 -14.37 6.56
C LEU A 266 8.05 -15.71 5.83
N TYR A 267 9.03 -15.90 4.96
CA TYR A 267 9.14 -17.14 4.19
C TYR A 267 10.13 -18.06 4.89
N VAL A 268 9.70 -19.29 5.11
CA VAL A 268 10.47 -20.33 5.77
C VAL A 268 10.48 -21.55 4.84
N ASP A 269 11.66 -21.80 4.28
CA ASP A 269 11.88 -22.88 3.32
C ASP A 269 13.35 -23.26 3.33
N PRO A 270 13.81 -23.87 4.41
CA PRO A 270 15.20 -24.22 4.61
C PRO A 270 15.78 -25.21 3.60
N HIS A 271 14.95 -26.09 3.04
CA HIS A 271 15.33 -27.07 2.06
C HIS A 271 15.13 -26.59 0.63
N GLY A 272 14.92 -25.30 0.43
CA GLY A 272 14.72 -24.66 -0.84
C GLY A 272 13.79 -25.32 -1.82
N ASN A 273 12.55 -25.59 -1.46
CA ASN A 273 11.60 -26.21 -2.39
C ASN A 273 10.71 -25.19 -3.08
N GLY A 274 10.79 -23.92 -2.72
CA GLY A 274 9.97 -22.92 -3.38
C GLY A 274 10.53 -21.52 -3.37
N PRO A 275 11.77 -21.34 -3.83
CA PRO A 275 12.42 -20.05 -3.86
C PRO A 275 11.74 -19.02 -4.75
N SER A 276 11.03 -19.44 -5.79
CA SER A 276 10.29 -18.56 -6.66
C SER A 276 9.18 -17.85 -5.87
N PHE A 277 8.64 -18.51 -4.84
CA PHE A 277 7.62 -17.91 -4.00
C PHE A 277 8.15 -16.59 -3.42
N LEU A 278 9.31 -16.66 -2.78
CA LEU A 278 9.92 -15.48 -2.18
C LEU A 278 10.26 -14.43 -3.23
N GLU A 279 10.76 -14.85 -4.39
CA GLU A 279 11.08 -13.92 -5.46
C GLU A 279 9.81 -13.19 -5.92
N GLY A 280 8.70 -13.90 -6.06
CA GLY A 280 7.43 -13.33 -6.46
C GLY A 280 6.94 -12.27 -5.48
N LEU A 281 7.11 -12.54 -4.19
CA LEU A 281 6.78 -11.64 -3.11
C LEU A 281 7.54 -10.31 -3.25
N LYS A 282 8.79 -10.37 -3.65
CA LYS A 282 9.58 -9.15 -3.82
C LYS A 282 9.11 -8.42 -5.08
N ARG A 283 8.78 -9.16 -6.13
CA ARG A 283 8.29 -8.57 -7.37
C ARG A 283 6.99 -7.78 -7.16
N VAL A 284 6.02 -8.43 -6.55
CA VAL A 284 4.70 -7.82 -6.30
C VAL A 284 4.78 -6.64 -5.36
N GLY A 285 5.69 -6.64 -4.39
CA GLY A 285 5.87 -5.53 -3.47
C GLY A 285 6.33 -4.27 -4.19
N MET A 286 6.96 -4.39 -5.35
CA MET A 286 7.44 -3.28 -6.15
C MET A 286 6.32 -2.47 -6.79
N LEU A 287 5.09 -2.92 -6.80
CA LEU A 287 3.96 -2.19 -7.35
C LEU A 287 3.49 -1.11 -6.37
N VAL A 288 3.51 -1.40 -5.08
CA VAL A 288 3.06 -0.48 -4.05
C VAL A 288 4.21 0.24 -3.36
N CYS A 289 5.34 -0.42 -3.20
CA CYS A 289 6.55 0.11 -2.59
C CYS A 289 6.63 0.25 -1.10
N GLY A 290 6.21 -0.76 -0.34
CA GLY A 290 6.34 -0.82 1.08
C GLY A 290 5.64 0.17 1.96
N PRO A 291 5.71 -0.12 3.27
CA PRO A 291 5.07 0.66 4.31
C PRO A 291 5.83 1.90 4.73
N CYS A 292 5.14 2.74 5.50
CA CYS A 292 5.64 3.99 6.04
C CYS A 292 6.97 3.82 6.74
N THR A 293 8.01 4.47 6.22
CA THR A 293 9.36 4.31 6.74
C THR A 293 9.54 4.69 8.20
N VAL A 294 8.92 5.77 8.65
CA VAL A 294 9.06 6.22 10.04
C VAL A 294 8.51 5.16 10.99
N VAL A 295 7.44 4.46 10.60
CA VAL A 295 6.87 3.37 11.36
C VAL A 295 7.79 2.15 11.30
N GLN A 296 8.51 1.94 10.19
CA GLN A 296 9.43 0.82 10.10
C GLN A 296 10.61 1.02 11.05
N ALA A 297 11.04 2.27 11.23
CA ALA A 297 12.13 2.59 12.12
C ALA A 297 11.85 2.29 13.59
N ALA A 298 10.58 2.29 13.97
CA ALA A 298 10.17 2.05 15.33
C ALA A 298 9.95 0.57 15.64
N LEU A 299 9.93 -0.27 14.61
CA LEU A 299 9.65 -1.69 14.74
C LEU A 299 10.61 -2.46 15.63
N GLY A 300 11.91 -2.26 15.46
CA GLY A 300 12.90 -2.94 16.31
C GLY A 300 12.56 -2.76 17.78
N GLU A 301 12.39 -1.52 18.18
CA GLU A 301 12.01 -1.11 19.52
C GLU A 301 10.68 -1.70 19.95
N ALA A 302 9.69 -1.65 19.07
CA ALA A 302 8.34 -2.14 19.35
C ALA A 302 8.32 -3.63 19.63
N LEU A 303 9.03 -4.43 18.85
CA LEU A 303 9.05 -5.87 19.06
C LEU A 303 10.04 -6.30 20.12
N LEU A 304 11.25 -5.76 20.11
CA LEU A 304 12.27 -6.22 21.05
C LEU A 304 12.34 -5.45 22.34
N ASN A 305 11.82 -4.23 22.41
CA ASN A 305 11.94 -3.48 23.65
C ASN A 305 10.64 -3.40 24.43
N THR A 306 9.55 -3.90 23.85
CA THR A 306 8.28 -3.93 24.58
C THR A 306 8.28 -5.16 25.48
N PRO A 307 8.11 -4.94 26.77
CA PRO A 307 8.08 -6.04 27.73
C PRO A 307 6.98 -7.02 27.36
N GLN A 308 7.24 -8.30 27.55
CA GLN A 308 6.27 -9.36 27.27
C GLN A 308 5.00 -9.18 28.10
N GLU A 309 5.08 -8.60 29.30
CA GLU A 309 3.93 -8.31 30.14
C GLU A 309 2.92 -7.37 29.50
N HIS A 310 3.37 -6.38 28.72
CA HIS A 310 2.45 -5.46 28.06
C HIS A 310 1.57 -6.22 27.07
N LEU A 311 2.19 -7.09 26.30
CA LEU A 311 1.48 -7.95 25.36
C LEU A 311 0.50 -8.85 26.12
N ASP A 312 0.96 -9.50 27.18
CA ASP A 312 0.15 -10.38 28.00
C ASP A 312 -1.05 -9.69 28.64
N GLN A 313 -0.89 -8.45 29.11
CA GLN A 313 -1.99 -7.72 29.72
C GLN A 313 -3.07 -7.38 28.70
N ILE A 314 -2.70 -7.11 27.45
CA ILE A 314 -3.69 -6.85 26.42
C ILE A 314 -4.59 -8.06 26.21
N VAL A 315 -3.96 -9.22 26.09
CA VAL A 315 -4.64 -10.48 25.89
C VAL A 315 -5.50 -10.82 27.10
N ALA A 316 -4.97 -10.53 28.29
CA ALA A 316 -5.67 -10.78 29.55
C ALA A 316 -6.91 -9.92 29.69
N LYS A 317 -6.95 -8.71 29.13
CA LYS A 317 -8.15 -7.89 29.15
C LYS A 317 -9.17 -8.44 28.16
N ILE A 318 -8.70 -8.92 27.01
CA ILE A 318 -9.58 -9.50 26.00
C ILE A 318 -10.26 -10.72 26.59
N GLU A 319 -9.47 -11.63 27.14
CA GLU A 319 -9.97 -12.83 27.78
C GLU A 319 -11.11 -12.56 28.75
N GLU A 320 -10.92 -11.56 29.60
CA GLU A 320 -11.92 -11.14 30.57
C GLU A 320 -13.22 -10.78 29.86
N SER A 321 -13.14 -9.99 28.78
CA SER A 321 -14.35 -9.64 28.03
C SER A 321 -14.88 -10.83 27.23
N ALA A 322 -14.00 -11.64 26.67
CA ALA A 322 -14.38 -12.81 25.89
C ALA A 322 -15.11 -13.82 26.76
N MET A 323 -14.55 -14.08 27.94
CA MET A 323 -15.14 -15.04 28.88
C MET A 323 -16.47 -14.53 29.41
N TYR A 324 -16.55 -13.24 29.71
CA TYR A 324 -17.80 -12.65 30.19
C TYR A 324 -18.87 -12.79 29.11
N LEU A 325 -18.50 -12.48 27.88
CA LEU A 325 -19.42 -12.56 26.75
C LEU A 325 -19.89 -13.99 26.54
N TYR A 326 -18.99 -14.95 26.51
CA TYR A 326 -19.31 -16.36 26.34
C TYR A 326 -20.29 -16.87 27.40
N ASN A 327 -20.04 -16.53 28.65
CA ASN A 327 -20.89 -16.97 29.75
C ASN A 327 -22.32 -16.44 29.64
N HIS A 328 -22.47 -15.14 29.38
CA HIS A 328 -23.77 -14.51 29.28
C HIS A 328 -24.49 -14.71 27.97
N ILE A 329 -23.81 -14.90 26.85
CA ILE A 329 -24.51 -15.10 25.58
C ILE A 329 -25.31 -16.39 25.57
N GLY A 330 -24.84 -17.45 26.20
CA GLY A 330 -25.51 -18.74 26.26
C GLY A 330 -26.92 -18.67 26.83
N GLU A 331 -27.10 -17.79 27.79
CA GLU A 331 -28.33 -17.46 28.47
C GLU A 331 -29.43 -16.89 27.60
N CYS A 332 -29.13 -16.41 26.40
CA CYS A 332 -30.10 -15.91 25.45
C CYS A 332 -30.70 -17.04 24.62
N ILE A 333 -32.02 -17.11 24.59
CA ILE A 333 -32.72 -18.14 23.83
C ILE A 333 -32.21 -18.20 22.40
N GLY A 334 -31.78 -19.39 21.97
CA GLY A 334 -31.31 -19.62 20.62
C GLY A 334 -29.84 -19.36 20.33
N LEU A 335 -29.07 -18.83 21.28
CA LEU A 335 -27.66 -18.55 20.97
C LEU A 335 -26.73 -19.54 21.67
N ALA A 336 -26.01 -20.34 20.90
CA ALA A 336 -25.07 -21.31 21.43
C ALA A 336 -23.65 -20.93 20.99
N PRO A 337 -22.89 -20.34 21.90
CA PRO A 337 -21.55 -19.90 21.61
C PRO A 337 -20.50 -21.00 21.63
N THR A 338 -19.54 -20.90 20.71
CA THR A 338 -18.38 -21.79 20.73
C THR A 338 -17.36 -21.10 21.63
N MET A 339 -16.44 -21.82 22.22
CA MET A 339 -15.46 -21.23 23.13
C MET A 339 -14.32 -20.52 22.40
N PRO A 340 -14.14 -19.25 22.70
CA PRO A 340 -13.06 -18.45 22.13
C PRO A 340 -11.76 -18.74 22.87
N ARG A 341 -10.69 -19.08 22.16
CA ARG A 341 -9.41 -19.43 22.75
C ARG A 341 -8.35 -18.33 22.62
N GLY A 342 -8.59 -17.37 21.73
CA GLY A 342 -7.68 -16.25 21.52
C GLY A 342 -8.25 -15.31 20.46
N ALA A 343 -7.37 -14.53 19.83
CA ALA A 343 -7.80 -13.56 18.83
C ALA A 343 -8.73 -12.56 19.51
N MET A 344 -9.60 -11.90 18.76
CA MET A 344 -10.45 -10.84 19.28
C MET A 344 -11.92 -11.07 18.97
N TYR A 345 -12.26 -12.33 18.67
CA TYR A 345 -13.61 -12.71 18.29
C TYR A 345 -14.19 -13.89 19.08
N LEU A 346 -15.52 -13.98 18.98
CA LEU A 346 -16.34 -15.02 19.55
C LEU A 346 -17.39 -15.35 18.46
N MET A 347 -17.45 -16.60 18.09
CA MET A 347 -18.38 -17.09 17.08
C MET A 347 -19.52 -17.80 17.79
N SER A 348 -20.77 -17.48 17.50
CA SER A 348 -21.88 -18.12 18.18
C SER A 348 -22.85 -18.78 17.20
N ARG A 349 -23.31 -19.98 17.55
CA ARG A 349 -24.28 -20.68 16.71
C ARG A 349 -25.66 -20.05 16.95
N ILE A 350 -26.46 -19.89 15.91
CA ILE A 350 -27.80 -19.37 16.12
C ILE A 350 -28.80 -20.50 15.85
N ASP A 351 -29.57 -20.90 16.86
CA ASP A 351 -30.57 -21.96 16.65
C ASP A 351 -31.84 -21.31 16.11
N LEU A 352 -31.93 -21.18 14.80
CA LEU A 352 -33.01 -20.50 14.10
C LEU A 352 -34.40 -21.09 14.31
N GLU A 353 -34.49 -22.36 14.66
CA GLU A 353 -35.74 -23.04 14.92
C GLU A 353 -36.38 -22.61 16.24
N LYS A 354 -35.64 -21.95 17.12
CA LYS A 354 -36.18 -21.44 18.37
C LYS A 354 -36.80 -20.06 18.23
N TYR A 355 -37.01 -19.57 17.02
CA TYR A 355 -37.60 -18.26 16.77
C TYR A 355 -38.74 -18.41 15.75
N ARG A 356 -39.75 -17.55 15.79
CA ARG A 356 -40.84 -17.68 14.82
C ARG A 356 -40.72 -16.79 13.59
N ASP A 357 -40.17 -15.58 13.69
CA ASP A 357 -40.05 -14.71 12.53
C ASP A 357 -38.67 -14.73 11.90
N ILE A 358 -37.63 -14.98 12.67
CA ILE A 358 -36.26 -15.00 12.20
C ILE A 358 -35.90 -16.31 11.49
N LYS A 359 -35.53 -16.21 10.22
CA LYS A 359 -35.23 -17.40 9.42
C LYS A 359 -33.79 -17.58 8.99
N THR A 360 -32.99 -16.53 8.99
CA THR A 360 -31.60 -16.55 8.54
C THR A 360 -30.68 -15.83 9.52
N ASP A 361 -29.37 -16.08 9.45
CA ASP A 361 -28.43 -15.35 10.30
C ASP A 361 -28.44 -13.87 9.88
N VAL A 362 -28.60 -13.58 8.59
CA VAL A 362 -28.68 -12.22 8.08
C VAL A 362 -29.91 -11.49 8.62
N GLU A 363 -31.03 -12.19 8.67
CA GLU A 363 -32.29 -11.69 9.18
C GLU A 363 -32.16 -11.35 10.66
N PHE A 364 -31.41 -12.19 11.39
CA PHE A 364 -31.12 -11.99 12.79
C PHE A 364 -30.35 -10.68 13.00
N PHE A 365 -29.36 -10.47 12.15
CA PHE A 365 -28.54 -9.26 12.20
C PHE A 365 -29.44 -8.05 11.96
N GLU A 366 -30.21 -8.10 10.89
CA GLU A 366 -31.12 -7.05 10.49
C GLU A 366 -32.17 -6.66 11.52
N LYS A 367 -32.88 -7.63 12.11
CA LYS A 367 -33.88 -7.34 13.11
C LYS A 367 -33.27 -6.87 14.43
N LEU A 368 -32.21 -7.52 14.88
CA LEU A 368 -31.54 -7.12 16.12
C LEU A 368 -31.04 -5.68 16.08
N LEU A 369 -30.47 -5.26 14.95
CA LEU A 369 -29.99 -3.90 14.76
C LEU A 369 -31.17 -2.92 14.77
N GLU A 370 -32.21 -3.29 14.02
CA GLU A 370 -33.42 -2.50 13.92
C GLU A 370 -34.16 -2.30 15.24
N GLU A 371 -34.26 -3.32 16.08
CA GLU A 371 -35.00 -3.22 17.31
C GLU A 371 -34.23 -2.84 18.56
N GLU A 372 -32.95 -3.22 18.67
CA GLU A 372 -32.20 -2.96 19.89
C GLU A 372 -31.00 -2.06 19.63
N ASN A 373 -30.76 -1.76 18.36
CA ASN A 373 -29.62 -0.95 17.95
C ASN A 373 -28.32 -1.61 18.41
N VAL A 374 -28.23 -2.90 18.17
CA VAL A 374 -27.06 -3.73 18.48
C VAL A 374 -26.64 -4.32 17.13
N GLN A 375 -25.38 -4.08 16.80
CA GLN A 375 -24.83 -4.48 15.52
C GLN A 375 -23.80 -5.60 15.65
N VAL A 376 -24.13 -6.76 15.08
CA VAL A 376 -23.25 -7.93 15.07
C VAL A 376 -23.01 -8.22 13.59
N LEU A 377 -22.21 -9.22 13.26
CA LEU A 377 -22.04 -9.56 11.85
C LEU A 377 -22.72 -10.91 11.63
N PRO A 378 -23.42 -11.03 10.52
CA PRO A 378 -24.06 -12.29 10.17
C PRO A 378 -22.96 -13.25 9.72
N GLY A 379 -23.00 -14.48 10.20
CA GLY A 379 -22.03 -15.50 9.82
C GLY A 379 -21.93 -15.71 8.32
N THR A 380 -23.01 -15.53 7.57
CA THR A 380 -23.06 -15.69 6.13
C THR A 380 -21.91 -14.98 5.43
N ILE A 381 -21.52 -13.80 5.89
CA ILE A 381 -20.40 -13.03 5.36
C ILE A 381 -19.12 -13.85 5.36
N PHE A 382 -18.89 -14.64 6.39
CA PHE A 382 -17.71 -15.47 6.55
C PHE A 382 -17.87 -16.89 6.01
N HIS A 383 -18.98 -17.14 5.32
CA HIS A 383 -19.30 -18.45 4.77
C HIS A 383 -19.64 -19.42 5.90
N ALA A 384 -20.46 -18.95 6.84
CA ALA A 384 -20.87 -19.75 7.98
C ALA A 384 -22.33 -19.49 8.35
N PRO A 385 -23.23 -19.83 7.44
CA PRO A 385 -24.66 -19.65 7.68
C PRO A 385 -25.04 -20.23 9.03
N GLY A 386 -25.84 -19.53 9.82
CA GLY A 386 -26.29 -20.01 11.11
C GLY A 386 -25.45 -19.57 12.29
N PHE A 387 -24.39 -18.80 12.02
CA PHE A 387 -23.51 -18.34 13.08
C PHE A 387 -23.47 -16.82 13.10
N THR A 388 -22.89 -16.23 14.12
CA THR A 388 -22.78 -14.77 14.16
C THR A 388 -21.42 -14.41 14.75
N ARG A 389 -20.78 -13.36 14.25
CA ARG A 389 -19.49 -12.97 14.79
C ARG A 389 -19.63 -11.76 15.72
N LEU A 390 -19.02 -11.87 16.89
CA LEU A 390 -19.02 -10.80 17.86
C LEU A 390 -17.56 -10.47 18.20
N THR A 391 -17.24 -9.22 18.52
CA THR A 391 -15.87 -8.87 18.86
C THR A 391 -15.75 -9.04 20.37
N THR A 392 -14.56 -9.29 20.88
CA THR A 392 -14.39 -9.47 22.32
C THR A 392 -13.40 -8.47 22.89
N THR A 393 -13.13 -7.37 22.19
CA THR A 393 -12.15 -6.40 22.66
C THR A 393 -12.69 -5.21 23.43
N ARG A 394 -14.01 -5.05 23.50
CA ARG A 394 -14.57 -3.90 24.22
C ARG A 394 -14.64 -4.20 25.71
N PRO A 395 -14.76 -3.16 26.53
CA PRO A 395 -14.85 -3.29 27.97
C PRO A 395 -16.07 -4.09 28.38
N VAL A 396 -15.98 -4.79 29.50
CA VAL A 396 -17.06 -5.62 30.02
C VAL A 396 -18.37 -4.85 30.10
N GLU A 397 -18.35 -3.63 30.60
CA GLU A 397 -19.50 -2.77 30.72
C GLU A 397 -20.30 -2.63 29.43
N VAL A 398 -19.67 -2.64 28.27
CA VAL A 398 -20.33 -2.60 26.98
C VAL A 398 -21.12 -3.88 26.70
N TYR A 399 -20.53 -5.04 26.98
CA TYR A 399 -21.22 -6.31 26.76
C TYR A 399 -22.39 -6.52 27.71
N ARG A 400 -22.23 -6.11 28.97
CA ARG A 400 -23.33 -6.24 29.92
C ARG A 400 -24.56 -5.56 29.31
N GLU A 401 -24.38 -4.31 28.88
CA GLU A 401 -25.51 -3.62 28.27
C GLU A 401 -25.99 -4.32 27.01
N ALA A 402 -25.08 -4.76 26.15
CA ALA A 402 -25.46 -5.39 24.89
C ALA A 402 -26.14 -6.73 25.10
N VAL A 403 -25.69 -7.56 26.04
CA VAL A 403 -26.35 -8.85 26.23
C VAL A 403 -27.73 -8.67 26.83
N GLU A 404 -27.93 -7.67 27.70
CA GLU A 404 -29.26 -7.38 28.22
C GLU A 404 -30.20 -7.14 27.03
N ARG A 405 -29.76 -6.31 26.08
CA ARG A 405 -30.55 -6.06 24.89
C ARG A 405 -30.75 -7.31 24.04
N ILE A 406 -29.70 -8.08 23.78
CA ILE A 406 -29.88 -9.28 22.96
C ILE A 406 -30.85 -10.24 23.64
N LYS A 407 -30.73 -10.41 24.95
CA LYS A 407 -31.63 -11.28 25.69
C LYS A 407 -33.08 -10.89 25.48
N ALA A 408 -33.44 -9.63 25.76
CA ALA A 408 -34.80 -9.12 25.60
C ALA A 408 -35.35 -9.33 24.20
N PHE A 409 -34.54 -9.11 23.19
CA PHE A 409 -34.89 -9.34 21.79
C PHE A 409 -35.09 -10.82 21.52
N CYS A 410 -34.25 -11.66 22.13
CA CYS A 410 -34.34 -13.11 21.94
C CYS A 410 -35.63 -13.65 22.54
N GLN A 411 -35.94 -13.28 23.78
CA GLN A 411 -37.17 -13.67 24.45
C GLN A 411 -38.40 -13.29 23.65
N ARG A 412 -38.39 -12.11 23.06
CA ARG A 412 -39.45 -11.55 22.25
C ARG A 412 -39.72 -12.31 20.96
N HIS A 413 -38.69 -12.84 20.30
CA HIS A 413 -38.86 -13.55 19.04
C HIS A 413 -38.98 -15.06 19.21
N ALA A 414 -38.97 -15.52 20.45
CA ALA A 414 -39.09 -16.93 20.78
C ALA A 414 -40.43 -17.53 20.37
N ALA A 415 -40.37 -18.79 19.93
CA ALA A 415 -41.54 -19.54 19.51
C ALA A 415 -42.05 -20.48 20.61
N TRP B 4 8.07 -31.27 -6.20
CA TRP B 4 7.93 -29.88 -5.78
C TRP B 4 8.03 -28.91 -6.94
N ASP B 5 6.90 -28.39 -7.42
CA ASP B 5 6.94 -27.43 -8.51
C ASP B 5 6.30 -26.11 -8.10
N VAL B 6 7.10 -25.23 -7.51
CA VAL B 6 6.62 -23.92 -7.07
C VAL B 6 7.18 -22.85 -8.00
N SER B 7 6.31 -22.30 -8.85
CA SER B 7 6.74 -21.29 -9.80
C SER B 7 5.99 -19.99 -9.53
N MET B 8 6.65 -18.85 -9.70
CA MET B 8 5.98 -17.58 -9.44
C MET B 8 4.90 -17.35 -10.48
N SER B 9 3.91 -16.52 -10.17
CA SER B 9 2.83 -16.28 -11.13
C SER B 9 3.37 -15.48 -12.31
N ASN B 10 2.62 -15.39 -13.40
CA ASN B 10 3.02 -14.57 -14.54
C ASN B 10 3.00 -13.10 -14.16
N HIS B 11 2.00 -12.70 -13.39
CA HIS B 11 1.86 -11.34 -12.91
C HIS B 11 3.14 -10.93 -12.18
N ALA B 12 3.63 -11.72 -11.24
CA ALA B 12 4.87 -11.43 -10.53
C ALA B 12 6.08 -11.46 -11.47
N GLY B 13 6.06 -12.30 -12.49
CA GLY B 13 7.09 -12.42 -13.49
C GLY B 13 7.10 -11.32 -14.54
N LEU B 14 6.04 -10.51 -14.60
CA LEU B 14 5.97 -9.39 -15.52
C LEU B 14 6.32 -8.06 -14.86
N VAL B 15 6.56 -8.06 -13.55
CA VAL B 15 6.91 -6.86 -12.80
C VAL B 15 8.38 -6.53 -12.97
N PHE B 16 8.66 -5.32 -13.47
CA PHE B 16 10.03 -4.90 -13.72
C PHE B 16 10.25 -3.43 -13.42
N ASN B 17 11.34 -3.09 -12.72
CA ASN B 17 11.65 -1.69 -12.46
C ASN B 17 13.02 -1.39 -13.08
N PRO B 18 13.02 -0.61 -14.15
CA PRO B 18 14.22 -0.28 -14.90
C PRO B 18 15.27 0.44 -14.07
N ILE B 19 14.86 1.39 -13.24
CA ILE B 19 15.78 2.11 -12.37
C ILE B 19 16.48 1.14 -11.42
N ARG B 20 15.73 0.26 -10.75
CA ARG B 20 16.35 -0.69 -9.83
C ARG B 20 17.31 -1.63 -10.55
N THR B 21 16.89 -2.19 -11.68
CA THR B 21 17.74 -3.06 -12.48
C THR B 21 19.08 -2.42 -12.81
N VAL B 22 19.09 -1.23 -13.40
CA VAL B 22 20.32 -0.52 -13.76
C VAL B 22 21.20 -0.23 -12.55
N SER B 23 20.60 0.31 -11.49
CA SER B 23 21.32 0.61 -10.26
C SER B 23 21.92 -0.62 -9.59
N ASP B 24 21.15 -1.69 -9.42
CA ASP B 24 21.62 -2.91 -8.78
C ASP B 24 22.68 -3.64 -9.59
N ASN B 25 22.60 -3.58 -10.92
CA ASN B 25 23.59 -4.20 -11.79
C ASN B 25 24.79 -3.29 -12.05
N ALA B 26 24.82 -2.09 -11.46
CA ALA B 26 25.96 -1.21 -11.65
C ALA B 26 27.18 -1.86 -11.00
N LYS B 27 28.26 -1.94 -11.76
CA LYS B 27 29.51 -2.50 -11.26
C LYS B 27 30.15 -1.50 -10.30
N PRO B 28 30.72 -1.99 -9.21
CA PRO B 28 31.39 -1.13 -8.24
C PRO B 28 32.59 -0.53 -8.96
N SER B 29 32.85 0.75 -8.77
CA SER B 29 33.93 1.44 -9.47
C SER B 29 35.33 1.24 -8.92
N PRO B 30 36.27 1.06 -9.86
CA PRO B 30 37.68 0.95 -9.57
C PRO B 30 38.34 2.26 -9.16
N SER B 31 37.65 3.39 -9.35
CA SER B 31 38.20 4.69 -8.99
C SER B 31 38.23 4.91 -7.47
N PRO B 32 39.29 5.56 -7.01
CA PRO B 32 39.48 5.90 -5.62
C PRO B 32 38.73 7.14 -5.17
N LYS B 33 38.25 7.92 -6.14
CA LYS B 33 37.47 9.11 -5.84
C LYS B 33 36.17 8.68 -5.15
N PRO B 34 35.75 9.41 -4.14
CA PRO B 34 34.53 9.12 -3.42
C PRO B 34 33.33 9.14 -4.37
N ILE B 35 32.44 8.17 -4.28
CA ILE B 35 31.28 8.11 -5.17
C ILE B 35 30.39 9.33 -5.09
N ILE B 36 29.89 9.80 -6.24
CA ILE B 36 28.91 10.88 -6.31
C ILE B 36 27.67 10.29 -7.01
N LYS B 37 26.54 10.24 -6.32
CA LYS B 37 25.33 9.70 -6.92
C LYS B 37 24.37 10.82 -7.33
N LEU B 38 24.14 10.96 -8.63
CA LEU B 38 23.17 11.91 -9.15
C LEU B 38 21.96 11.17 -9.74
N SER B 39 21.90 9.88 -9.52
CA SER B 39 20.87 9.00 -10.02
C SER B 39 19.69 8.74 -9.09
N VAL B 40 19.86 9.00 -7.81
CA VAL B 40 18.86 8.67 -6.81
C VAL B 40 17.86 9.80 -6.62
N GLY B 41 16.59 9.53 -6.92
CA GLY B 41 15.52 10.50 -6.82
C GLY B 41 14.97 10.76 -5.43
N ASP B 42 15.79 10.78 -4.40
CA ASP B 42 15.36 11.02 -3.02
C ASP B 42 15.90 12.35 -2.55
N PRO B 43 15.01 13.30 -2.25
CA PRO B 43 15.36 14.62 -1.79
C PRO B 43 15.82 14.76 -0.35
N THR B 44 15.81 13.71 0.45
CA THR B 44 16.21 13.77 1.85
C THR B 44 17.67 13.38 2.08
N LEU B 45 18.38 12.98 1.03
CA LEU B 45 19.72 12.47 1.12
C LEU B 45 20.73 13.29 1.91
N ASP B 46 20.92 14.56 1.58
CA ASP B 46 21.91 15.41 2.23
C ASP B 46 21.41 16.23 3.38
N LYS B 47 20.11 16.19 3.66
CA LYS B 47 19.50 16.94 4.74
C LYS B 47 19.53 18.45 4.46
N ASN B 48 19.66 18.87 3.22
CA ASN B 48 19.67 20.27 2.83
C ASN B 48 18.24 20.78 2.63
N LEU B 49 17.32 19.86 2.44
CA LEU B 49 15.90 20.11 2.25
C LEU B 49 15.17 19.45 3.43
N LEU B 50 14.46 20.24 4.22
CA LEU B 50 13.77 19.76 5.40
C LEU B 50 12.26 20.03 5.36
N THR B 51 11.49 19.12 5.97
CA THR B 51 10.04 19.26 5.96
C THR B 51 9.56 20.28 6.99
N SER B 52 8.30 20.68 6.95
CA SER B 52 7.81 21.69 7.86
C SER B 52 7.68 21.26 9.32
N ALA B 53 7.91 22.24 10.21
CA ALA B 53 7.79 22.05 11.64
C ALA B 53 6.33 21.78 12.00
N ALA B 54 5.42 22.44 11.31
CA ALA B 54 3.99 22.26 11.50
C ALA B 54 3.57 20.81 11.30
N GLN B 55 4.06 20.18 10.23
CA GLN B 55 3.73 18.79 9.96
C GLN B 55 4.26 17.85 11.04
N ILE B 56 5.55 17.91 11.32
CA ILE B 56 6.16 17.07 12.33
C ILE B 56 5.51 17.23 13.69
N LYS B 57 5.20 18.44 14.12
CA LYS B 57 4.57 18.69 15.41
C LYS B 57 3.23 17.97 15.53
N LYS B 58 2.37 18.17 14.54
CA LYS B 58 1.07 17.53 14.50
C LYS B 58 1.19 16.01 14.44
N LEU B 59 2.21 15.49 13.77
CA LEU B 59 2.43 14.06 13.71
C LEU B 59 2.64 13.55 15.13
N LYS B 60 3.56 14.14 15.88
CA LYS B 60 3.82 13.76 17.26
C LYS B 60 2.59 13.91 18.15
N GLU B 61 1.80 14.96 17.97
CA GLU B 61 0.59 15.13 18.76
C GLU B 61 -0.45 14.05 18.47
N ALA B 62 -0.55 13.64 17.22
CA ALA B 62 -1.49 12.59 16.84
C ALA B 62 -1.11 11.26 17.46
N ILE B 63 0.18 10.98 17.59
CA ILE B 63 0.68 9.75 18.18
C ILE B 63 0.42 9.69 19.68
N ASP B 64 0.64 10.81 20.36
CA ASP B 64 0.47 10.94 21.80
C ASP B 64 -1.00 10.86 22.20
N SER B 65 -1.87 11.44 21.38
CA SER B 65 -3.30 11.43 21.61
C SER B 65 -3.85 10.01 21.74
N GLN B 66 -3.37 9.16 20.82
CA GLN B 66 -3.75 7.76 20.74
C GLN B 66 -5.19 7.55 20.29
N GLU B 67 -5.72 8.49 19.52
CA GLU B 67 -7.06 8.36 18.99
C GLU B 67 -6.98 8.22 17.48
N CYS B 68 -5.76 8.11 16.97
CA CYS B 68 -5.49 8.00 15.55
C CYS B 68 -4.83 6.69 15.14
N ASN B 69 -4.84 5.68 16.00
CA ASN B 69 -4.21 4.40 15.70
C ASN B 69 -5.15 3.35 15.13
N GLY B 70 -6.45 3.59 15.15
CA GLY B 70 -7.41 2.62 14.67
C GLY B 70 -7.59 2.59 13.17
N TYR B 71 -8.62 1.87 12.74
CA TYR B 71 -8.92 1.80 11.30
C TYR B 71 -9.58 3.11 10.88
N PHE B 72 -9.20 3.53 9.69
CA PHE B 72 -9.78 4.70 9.04
C PHE B 72 -10.40 4.13 7.76
N PRO B 73 -11.42 4.78 7.23
CA PRO B 73 -12.01 4.33 5.97
C PRO B 73 -10.88 4.18 4.96
N THR B 74 -11.01 3.25 4.01
CA THR B 74 -9.97 3.00 3.02
C THR B 74 -9.72 4.15 2.05
N VAL B 75 -10.67 5.07 1.88
CA VAL B 75 -10.44 6.23 1.03
C VAL B 75 -9.71 7.35 1.77
N GLY B 76 -9.59 7.25 3.08
CA GLY B 76 -8.91 8.23 3.91
C GLY B 76 -9.90 8.84 4.89
N SER B 77 -9.40 9.45 5.95
CA SER B 77 -10.27 10.13 6.90
C SER B 77 -10.89 11.34 6.22
N PRO B 78 -12.06 11.75 6.68
CA PRO B 78 -12.77 12.90 6.12
C PRO B 78 -11.95 14.17 6.26
N GLU B 79 -11.37 14.36 7.44
CA GLU B 79 -10.51 15.51 7.70
C GLU B 79 -9.35 15.60 6.69
N ALA B 80 -8.69 14.48 6.43
CA ALA B 80 -7.56 14.44 5.50
C ALA B 80 -8.00 14.70 4.06
N ARG B 81 -9.18 14.18 3.71
CA ARG B 81 -9.73 14.38 2.38
C ARG B 81 -10.15 15.84 2.18
N GLU B 82 -10.64 16.47 3.24
CA GLU B 82 -11.02 17.87 3.24
C GLU B 82 -9.77 18.76 3.10
N ALA B 83 -8.69 18.39 3.76
CA ALA B 83 -7.45 19.16 3.68
C ALA B 83 -6.90 19.15 2.26
N VAL B 84 -6.93 18.00 1.60
CA VAL B 84 -6.45 17.88 0.24
C VAL B 84 -7.31 18.69 -0.71
N ALA B 85 -8.64 18.60 -0.56
CA ALA B 85 -9.53 19.38 -1.41
C ALA B 85 -9.32 20.87 -1.18
N THR B 86 -9.23 21.27 0.08
CA THR B 86 -9.03 22.68 0.42
C THR B 86 -7.69 23.23 -0.05
N TRP B 87 -6.60 22.50 0.10
CA TRP B 87 -5.28 22.95 -0.31
C TRP B 87 -5.15 23.03 -1.83
N TRP B 88 -5.79 22.13 -2.56
CA TRP B 88 -5.74 22.14 -4.01
C TRP B 88 -6.61 23.28 -4.55
N ARG B 89 -7.82 23.44 -4.02
CA ARG B 89 -8.70 24.54 -4.38
C ARG B 89 -8.00 25.89 -4.16
N ASN B 90 -7.46 26.04 -2.96
CA ASN B 90 -6.79 27.26 -2.56
C ASN B 90 -5.52 27.57 -3.33
N SER B 91 -4.80 26.58 -3.82
CA SER B 91 -3.54 26.82 -4.48
C SER B 91 -3.57 26.84 -6.00
N PHE B 92 -4.22 25.84 -6.60
CA PHE B 92 -4.13 25.63 -8.03
C PHE B 92 -5.42 25.82 -8.79
N VAL B 93 -6.51 26.20 -8.12
CA VAL B 93 -7.75 26.48 -8.86
C VAL B 93 -8.04 27.97 -8.72
N HIS B 94 -7.82 28.70 -9.82
CA HIS B 94 -7.96 30.16 -9.74
C HIS B 94 -9.30 30.66 -10.22
N LYS B 95 -9.86 30.09 -11.29
CA LYS B 95 -11.20 30.54 -11.72
C LYS B 95 -12.20 30.28 -10.61
N GLU B 96 -12.83 31.34 -10.10
CA GLU B 96 -13.74 31.28 -8.97
C GLU B 96 -14.87 30.27 -9.07
N GLU B 97 -15.44 30.09 -10.24
CA GLU B 97 -16.54 29.21 -10.53
C GLU B 97 -16.16 27.73 -10.51
N LEU B 98 -14.87 27.44 -10.62
CA LEU B 98 -14.36 26.09 -10.65
C LEU B 98 -13.97 25.57 -9.27
N LYS B 99 -13.93 26.44 -8.27
CA LYS B 99 -13.57 26.03 -6.92
C LYS B 99 -14.55 25.03 -6.33
N SER B 100 -15.82 25.11 -6.69
CA SER B 100 -16.86 24.22 -6.22
C SER B 100 -16.71 22.79 -6.74
N THR B 101 -15.97 22.58 -7.81
CA THR B 101 -15.79 21.29 -8.44
C THR B 101 -14.79 20.39 -7.71
N ILE B 102 -13.99 20.94 -6.81
CA ILE B 102 -13.00 20.21 -6.05
C ILE B 102 -13.60 19.96 -4.66
N VAL B 103 -14.06 18.75 -4.38
CA VAL B 103 -14.68 18.45 -3.10
C VAL B 103 -14.04 17.20 -2.48
N LYS B 104 -14.10 17.14 -1.15
CA LYS B 104 -13.52 16.08 -0.37
C LYS B 104 -13.99 14.69 -0.72
N ASP B 105 -15.24 14.47 -1.15
CA ASP B 105 -15.74 13.15 -1.49
C ASP B 105 -15.16 12.59 -2.77
N ASN B 106 -14.44 13.41 -3.52
CA ASN B 106 -13.81 13.01 -4.77
C ASN B 106 -12.31 12.83 -4.59
N VAL B 107 -11.89 12.78 -3.32
CA VAL B 107 -10.52 12.53 -2.96
C VAL B 107 -10.37 11.13 -2.34
N VAL B 108 -9.47 10.34 -2.90
CA VAL B 108 -9.16 9.01 -2.43
C VAL B 108 -7.68 8.91 -2.03
N LEU B 109 -7.37 8.85 -0.74
CA LEU B 109 -6.00 8.73 -0.29
C LEU B 109 -5.34 7.42 -0.75
N CYS B 110 -4.02 7.40 -0.80
CA CYS B 110 -3.30 6.21 -1.24
C CYS B 110 -1.92 6.16 -0.57
N SER B 111 -1.22 5.05 -0.76
CA SER B 111 0.10 4.85 -0.15
C SER B 111 1.22 5.33 -1.04
N GLY B 112 1.36 6.64 -1.16
CA GLY B 112 2.39 7.27 -1.97
C GLY B 112 1.97 7.27 -3.44
N GLY B 113 2.79 7.92 -4.27
CA GLY B 113 2.53 8.04 -5.69
C GLY B 113 2.41 6.70 -6.40
N SER B 114 3.35 5.78 -6.20
CA SER B 114 3.35 4.48 -6.84
C SER B 114 2.03 3.74 -6.70
N HIS B 115 1.47 3.73 -5.49
CA HIS B 115 0.18 3.10 -5.25
C HIS B 115 -0.92 3.84 -5.99
N GLY B 116 -0.86 5.17 -5.95
CA GLY B 116 -1.82 6.01 -6.65
C GLY B 116 -1.84 5.68 -8.14
N ILE B 117 -0.68 5.49 -8.77
CA ILE B 117 -0.62 5.14 -10.18
C ILE B 117 -1.23 3.77 -10.42
N LEU B 118 -0.91 2.80 -9.56
CA LEU B 118 -1.48 1.47 -9.67
C LEU B 118 -3.01 1.51 -9.68
N MET B 119 -3.60 2.21 -8.73
CA MET B 119 -5.05 2.36 -8.64
C MET B 119 -5.63 3.03 -9.88
N ALA B 120 -5.08 4.15 -10.33
CA ALA B 120 -5.59 4.84 -11.50
C ALA B 120 -5.61 3.99 -12.76
N ILE B 121 -4.48 3.38 -13.11
CA ILE B 121 -4.41 2.55 -14.30
C ILE B 121 -5.27 1.30 -14.23
N THR B 122 -5.30 0.59 -13.10
CA THR B 122 -6.08 -0.65 -13.04
C THR B 122 -7.55 -0.50 -12.74
N ALA B 123 -7.99 0.71 -12.38
CA ALA B 123 -9.38 1.02 -12.09
C ALA B 123 -10.19 1.15 -13.38
N ILE B 124 -9.48 1.39 -14.48
CA ILE B 124 -10.16 1.62 -15.75
C ILE B 124 -9.63 0.79 -16.90
N CYS B 125 -8.47 0.16 -16.77
CA CYS B 125 -7.92 -0.62 -17.88
C CYS B 125 -7.85 -2.11 -17.58
N ASP B 126 -8.28 -2.94 -18.52
CA ASP B 126 -8.17 -4.39 -18.36
C ASP B 126 -7.05 -4.88 -19.27
N ALA B 127 -6.60 -6.11 -19.10
CA ALA B 127 -5.56 -6.67 -19.97
C ALA B 127 -6.04 -6.59 -21.42
N GLY B 128 -5.23 -6.06 -22.32
CA GLY B 128 -5.67 -5.96 -23.71
C GLY B 128 -6.06 -4.53 -24.05
N ASP B 129 -6.38 -3.73 -23.03
CA ASP B 129 -6.70 -2.33 -23.25
C ASP B 129 -5.38 -1.56 -23.28
N TYR B 130 -5.40 -0.41 -23.93
CA TYR B 130 -4.22 0.43 -24.08
C TYR B 130 -4.32 1.76 -23.35
N ALA B 131 -3.18 2.26 -22.91
CA ALA B 131 -3.10 3.57 -22.26
C ALA B 131 -2.10 4.42 -23.05
N LEU B 132 -2.32 5.72 -23.12
CA LEU B 132 -1.38 6.60 -23.82
C LEU B 132 -0.40 7.13 -22.79
N VAL B 133 0.88 6.79 -22.95
CA VAL B 133 1.95 7.02 -21.99
C VAL B 133 3.08 7.84 -22.59
N PRO B 134 3.57 8.84 -21.85
CA PRO B 134 4.63 9.72 -22.30
C PRO B 134 6.03 9.13 -22.31
N GLN B 135 6.87 9.69 -23.15
CA GLN B 135 8.29 9.37 -23.28
C GLN B 135 8.97 10.68 -23.70
N PRO B 136 9.99 11.05 -22.96
CA PRO B 136 10.50 10.29 -21.82
C PRO B 136 9.51 10.24 -20.69
N GLY B 137 9.39 9.13 -19.96
CA GLY B 137 8.41 9.08 -18.88
C GLY B 137 8.85 8.37 -17.62
N PHE B 138 8.13 8.62 -16.53
CA PHE B 138 8.38 7.98 -15.23
C PHE B 138 8.07 6.51 -15.35
N PRO B 139 9.04 5.64 -15.14
CA PRO B 139 8.91 4.20 -15.25
C PRO B 139 7.74 3.51 -14.61
N HIS B 140 7.17 3.98 -13.51
CA HIS B 140 6.08 3.28 -12.86
C HIS B 140 4.83 3.06 -13.71
N TYR B 141 4.52 3.97 -14.64
CA TYR B 141 3.38 3.76 -15.53
C TYR B 141 3.61 2.46 -16.30
N GLU B 142 4.75 2.30 -16.93
CA GLU B 142 5.09 1.06 -17.62
C GLU B 142 5.13 -0.12 -16.65
N THR B 143 5.70 0.02 -15.45
CA THR B 143 5.75 -1.08 -14.50
C THR B 143 4.35 -1.63 -14.21
N VAL B 144 3.39 -0.75 -13.93
CA VAL B 144 2.03 -1.15 -13.66
C VAL B 144 1.39 -1.73 -14.92
N CYS B 145 1.61 -1.12 -16.09
CA CYS B 145 1.03 -1.61 -17.33
C CYS B 145 1.52 -2.99 -17.74
N LYS B 146 2.82 -3.21 -17.76
CA LYS B 146 3.40 -4.49 -18.15
C LYS B 146 2.89 -5.61 -17.26
N ALA B 147 2.84 -5.39 -15.95
CA ALA B 147 2.39 -6.34 -14.96
C ALA B 147 0.93 -6.75 -15.08
N TYR B 148 0.05 -5.91 -15.60
CA TYR B 148 -1.36 -6.23 -15.72
C TYR B 148 -1.75 -6.54 -17.15
N GLY B 149 -0.77 -6.64 -18.04
CA GLY B 149 -1.02 -6.92 -19.43
C GLY B 149 -1.76 -5.80 -20.11
N ILE B 150 -1.44 -4.56 -19.74
CA ILE B 150 -2.09 -3.40 -20.37
C ILE B 150 -1.12 -2.82 -21.39
N GLY B 151 -1.58 -2.72 -22.63
CA GLY B 151 -0.75 -2.22 -23.72
C GLY B 151 -0.49 -0.73 -23.56
N MET B 152 0.64 -0.29 -24.11
CA MET B 152 1.04 1.10 -24.02
C MET B 152 1.32 1.76 -25.37
N HIS B 153 0.62 2.84 -25.65
CA HIS B 153 0.91 3.67 -26.81
C HIS B 153 1.77 4.83 -26.32
N PHE B 154 3.05 4.83 -26.70
CA PHE B 154 3.96 5.87 -26.24
C PHE B 154 3.86 7.11 -27.12
N TYR B 155 3.68 8.27 -26.50
CA TYR B 155 3.61 9.51 -27.26
C TYR B 155 4.83 10.34 -26.85
N ASN B 156 5.38 11.13 -27.77
CA ASN B 156 6.59 11.87 -27.48
C ASN B 156 6.38 13.26 -26.88
N CYS B 157 7.30 13.57 -25.98
CA CYS B 157 7.44 14.88 -25.35
C CYS B 157 8.71 15.39 -26.02
N ARG B 158 8.67 16.48 -26.78
CA ARG B 158 9.84 16.87 -27.57
C ARG B 158 10.75 17.92 -26.98
N PRO B 159 12.05 17.59 -26.97
CA PRO B 159 13.08 18.46 -26.42
C PRO B 159 13.11 19.83 -27.07
N GLU B 160 12.91 19.88 -28.39
CA GLU B 160 12.88 21.12 -29.15
C GLU B 160 11.69 22.01 -28.78
N ASN B 161 10.58 21.48 -28.29
CA ASN B 161 9.44 22.30 -27.93
C ASN B 161 9.30 22.40 -26.42
N ASP B 162 10.43 22.45 -25.72
CA ASP B 162 10.43 22.51 -24.26
C ASP B 162 9.84 21.26 -23.60
N TRP B 163 9.96 20.10 -24.24
CA TRP B 163 9.38 18.87 -23.71
C TRP B 163 7.85 18.90 -23.71
N GLU B 164 7.24 19.61 -24.66
CA GLU B 164 5.78 19.62 -24.73
C GLU B 164 5.32 18.34 -25.42
N ALA B 165 4.13 17.88 -25.04
CA ALA B 165 3.55 16.67 -25.62
C ALA B 165 3.23 16.89 -27.09
N ASP B 166 3.55 15.91 -27.92
CA ASP B 166 3.23 16.01 -29.36
C ASP B 166 1.76 15.66 -29.55
N LEU B 167 0.88 16.64 -29.53
CA LEU B 167 -0.55 16.43 -29.66
C LEU B 167 -1.02 15.73 -30.93
N ASP B 168 -0.39 15.89 -32.08
CA ASP B 168 -0.84 15.22 -33.28
C ASP B 168 -0.45 13.75 -33.28
N GLU B 169 0.63 13.41 -32.59
CA GLU B 169 1.06 12.03 -32.46
C GLU B 169 0.13 11.30 -31.50
N ILE B 170 -0.38 12.01 -30.48
CA ILE B 170 -1.34 11.45 -29.54
C ILE B 170 -2.59 11.04 -30.32
N ARG B 171 -3.09 11.95 -31.14
CA ARG B 171 -4.28 11.78 -31.97
C ARG B 171 -4.14 10.64 -32.96
N ARG B 172 -2.95 10.43 -33.49
CA ARG B 172 -2.65 9.35 -34.41
C ARG B 172 -2.48 8.01 -33.73
N LEU B 173 -2.21 7.98 -32.43
CA LEU B 173 -2.04 6.74 -31.70
C LEU B 173 -3.33 6.25 -31.04
N LYS B 174 -4.23 7.18 -30.71
CA LYS B 174 -5.49 6.77 -30.08
C LYS B 174 -6.21 5.74 -30.94
N ASP B 175 -6.79 4.74 -30.30
CA ASP B 175 -7.52 3.70 -31.02
C ASP B 175 -8.66 3.19 -30.14
N ASP B 176 -9.36 2.16 -30.57
CA ASP B 176 -10.53 1.64 -29.87
C ASP B 176 -10.28 1.02 -28.53
N LYS B 177 -9.11 0.43 -28.35
CA LYS B 177 -8.67 -0.15 -27.10
C LYS B 177 -8.10 0.87 -26.12
N THR B 178 -7.87 2.10 -26.52
CA THR B 178 -7.29 3.12 -25.67
C THR B 178 -8.30 3.73 -24.69
N LYS B 179 -8.08 3.47 -23.40
CA LYS B 179 -8.99 3.88 -22.36
C LYS B 179 -8.50 5.04 -21.49
N LEU B 180 -7.23 5.39 -21.60
CA LEU B 180 -6.68 6.43 -20.75
C LEU B 180 -5.54 7.24 -21.33
N LEU B 181 -5.52 8.52 -20.99
CA LEU B 181 -4.45 9.42 -21.41
C LEU B 181 -3.70 9.83 -20.14
N ILE B 182 -2.41 9.55 -20.08
CA ILE B 182 -1.62 9.86 -18.89
C ILE B 182 -0.69 11.02 -19.18
N VAL B 183 -0.78 12.09 -18.39
CA VAL B 183 0.13 13.22 -18.56
C VAL B 183 0.89 13.42 -17.24
N THR B 184 2.10 13.98 -17.32
CA THR B 184 2.89 14.25 -16.13
C THR B 184 3.37 15.70 -16.14
N ASN B 185 3.11 16.47 -15.09
CA ASN B 185 3.53 17.87 -15.06
C ASN B 185 3.44 18.53 -13.70
N PRO B 186 4.53 19.10 -13.22
CA PRO B 186 5.82 19.08 -13.85
C PRO B 186 6.34 17.66 -14.04
N SER B 187 7.35 17.50 -14.89
CA SER B 187 7.82 16.17 -15.23
C SER B 187 9.12 15.65 -14.65
N ASN B 188 9.09 14.35 -14.46
CA ASN B 188 10.15 13.46 -14.08
C ASN B 188 10.09 12.46 -15.27
N PRO B 189 11.12 12.47 -16.10
CA PRO B 189 12.36 13.14 -15.82
C PRO B 189 12.77 14.39 -16.56
N CYS B 190 11.85 15.02 -17.29
CA CYS B 190 12.22 16.15 -18.12
C CYS B 190 12.54 17.41 -17.35
N GLY B 191 11.95 17.62 -16.18
CA GLY B 191 12.16 18.85 -15.44
C GLY B 191 11.33 19.98 -16.04
N SER B 192 10.40 19.67 -16.93
CA SER B 192 9.56 20.66 -17.59
C SER B 192 8.35 21.06 -16.76
N ASN B 193 7.80 22.21 -17.12
CA ASN B 193 6.61 22.79 -16.51
C ASN B 193 5.78 23.32 -17.67
N PHE B 194 4.61 22.75 -17.92
CA PHE B 194 3.82 23.17 -19.07
C PHE B 194 3.22 24.56 -18.90
N SER B 195 3.31 25.36 -19.96
CA SER B 195 2.65 26.66 -19.92
C SER B 195 1.15 26.39 -19.80
N ARG B 196 0.41 27.41 -19.37
CA ARG B 196 -1.04 27.28 -19.25
C ARG B 196 -1.69 26.87 -20.56
N LYS B 197 -1.22 27.41 -21.67
CA LYS B 197 -1.69 27.17 -23.01
C LYS B 197 -1.55 25.71 -23.41
N HIS B 198 -0.38 25.11 -23.19
CA HIS B 198 -0.18 23.70 -23.53
C HIS B 198 -1.07 22.81 -22.67
N VAL B 199 -1.20 23.09 -21.37
CA VAL B 199 -2.08 22.26 -20.55
C VAL B 199 -3.52 22.31 -21.06
N GLU B 200 -3.96 23.48 -21.51
CA GLU B 200 -5.30 23.64 -22.03
C GLU B 200 -5.53 22.87 -23.33
N ASP B 201 -4.51 22.68 -24.16
CA ASP B 201 -4.68 21.89 -25.38
C ASP B 201 -4.66 20.40 -25.03
N ILE B 202 -4.02 20.03 -23.92
CA ILE B 202 -4.00 18.64 -23.47
C ILE B 202 -5.45 18.30 -23.09
N VAL B 203 -6.08 19.19 -22.33
CA VAL B 203 -7.46 19.04 -21.91
C VAL B 203 -8.44 19.03 -23.08
N ARG B 204 -8.22 19.90 -24.06
CA ARG B 204 -9.04 19.97 -25.27
C ARG B 204 -8.94 18.67 -26.08
N LEU B 205 -7.73 18.15 -26.24
CA LEU B 205 -7.51 16.93 -26.99
C LEU B 205 -8.09 15.70 -26.28
N ALA B 206 -8.07 15.70 -24.95
CA ALA B 206 -8.66 14.60 -24.16
C ALA B 206 -10.16 14.58 -24.44
N GLU B 207 -10.75 15.76 -24.53
CA GLU B 207 -12.15 15.94 -24.85
C GLU B 207 -12.47 15.52 -26.28
N GLU B 208 -11.58 15.84 -27.23
CA GLU B 208 -11.81 15.48 -28.62
C GLU B 208 -11.77 13.97 -28.83
N LEU B 209 -10.88 13.28 -28.12
CA LEU B 209 -10.75 11.83 -28.26
C LEU B 209 -11.64 11.06 -27.29
N ARG B 210 -12.34 11.77 -26.41
CA ARG B 210 -13.22 11.16 -25.42
C ARG B 210 -12.46 10.13 -24.59
N LEU B 211 -11.49 10.63 -23.84
CA LEU B 211 -10.64 9.84 -22.96
C LEU B 211 -10.45 10.56 -21.61
N PRO B 212 -10.72 9.84 -20.54
CA PRO B 212 -10.48 10.36 -19.20
C PRO B 212 -8.99 10.70 -19.11
N LEU B 213 -8.66 11.76 -18.39
CA LEU B 213 -7.26 12.17 -18.27
C LEU B 213 -6.77 11.89 -16.85
N PHE B 214 -5.61 11.23 -16.76
CA PHE B 214 -4.93 10.95 -15.51
C PHE B 214 -3.68 11.84 -15.48
N SER B 215 -3.76 12.89 -14.69
CA SER B 215 -2.65 13.86 -14.62
C SER B 215 -1.82 13.61 -13.38
N ASP B 216 -0.55 13.27 -13.57
CA ASP B 216 0.33 13.03 -12.41
C ASP B 216 0.93 14.39 -12.05
N GLU B 217 0.37 15.03 -11.02
CA GLU B 217 0.84 16.36 -10.63
C GLU B 217 1.51 16.34 -9.27
N ILE B 218 2.29 15.31 -8.98
CA ILE B 218 2.96 15.16 -7.69
C ILE B 218 4.00 16.23 -7.38
N TYR B 219 4.44 16.98 -8.38
CA TYR B 219 5.39 18.08 -8.21
C TYR B 219 4.64 19.41 -8.36
N ALA B 220 3.32 19.35 -8.16
CA ALA B 220 2.46 20.52 -8.27
C ALA B 220 3.03 21.67 -7.44
N GLY B 221 3.19 22.80 -8.12
CA GLY B 221 3.70 24.01 -7.49
C GLY B 221 5.19 24.08 -7.33
N MET B 222 5.95 23.08 -7.76
CA MET B 222 7.40 23.15 -7.62
C MET B 222 8.03 23.70 -8.88
N VAL B 223 7.78 24.98 -9.16
CA VAL B 223 8.29 25.67 -10.33
C VAL B 223 9.24 26.82 -9.96
N PHE B 224 10.38 26.85 -10.64
CA PHE B 224 11.39 27.88 -10.45
C PHE B 224 10.87 29.24 -10.88
N LYS B 225 11.10 30.26 -10.06
CA LYS B 225 10.63 31.61 -10.34
C LYS B 225 11.75 32.63 -10.33
N GLY B 226 12.95 32.20 -10.73
CA GLY B 226 14.10 33.09 -10.74
C GLY B 226 14.44 33.63 -12.12
N LYS B 227 14.15 32.88 -13.15
CA LYS B 227 14.44 33.31 -14.52
C LYS B 227 13.22 34.07 -15.01
N ASP B 228 12.06 33.45 -14.89
CA ASP B 228 10.77 34.03 -15.21
C ASP B 228 9.99 34.06 -13.88
N PRO B 229 9.71 35.25 -13.38
CA PRO B 229 9.03 35.45 -12.11
C PRO B 229 7.52 35.35 -12.21
N ASN B 230 7.03 35.26 -13.43
CA ASN B 230 5.62 35.09 -13.73
C ASN B 230 5.30 33.61 -14.00
N ALA B 231 6.31 32.76 -13.83
CA ALA B 231 6.16 31.33 -14.02
C ALA B 231 5.19 30.79 -12.97
N THR B 232 4.39 29.82 -13.42
CA THR B 232 3.38 29.24 -12.53
C THR B 232 3.00 27.83 -12.98
N PHE B 233 2.62 27.01 -12.00
CA PHE B 233 2.17 25.65 -12.33
C PHE B 233 0.71 25.71 -12.74
N THR B 234 0.31 25.03 -13.80
CA THR B 234 -1.09 25.01 -14.19
C THR B 234 -1.61 23.57 -14.07
N SER B 235 -2.44 23.34 -13.06
CA SER B 235 -3.05 22.04 -12.81
C SER B 235 -4.17 21.76 -13.78
N VAL B 236 -4.44 20.53 -14.20
CA VAL B 236 -5.54 20.27 -15.12
C VAL B 236 -6.90 20.52 -14.49
N ALA B 237 -7.00 20.75 -13.20
CA ALA B 237 -8.18 21.08 -12.46
C ALA B 237 -8.72 22.48 -12.79
N ASP B 238 -7.84 23.41 -13.13
CA ASP B 238 -8.19 24.79 -13.42
C ASP B 238 -8.80 25.10 -14.77
N PHE B 239 -9.62 24.24 -15.37
CA PHE B 239 -10.24 24.44 -16.65
C PHE B 239 -11.69 23.97 -16.64
N GLU B 240 -12.54 24.68 -17.37
CA GLU B 240 -13.94 24.27 -17.53
C GLU B 240 -13.88 23.22 -18.66
N THR B 241 -14.30 22.00 -18.38
CA THR B 241 -14.24 20.94 -19.37
C THR B 241 -15.17 19.79 -19.01
N THR B 242 -15.50 19.01 -20.04
CA THR B 242 -16.30 17.81 -19.87
C THR B 242 -15.43 16.61 -19.53
N VAL B 243 -14.11 16.69 -19.69
CA VAL B 243 -13.21 15.58 -19.39
C VAL B 243 -13.15 15.24 -17.91
N PRO B 244 -13.39 13.98 -17.60
CA PRO B 244 -13.28 13.47 -16.23
C PRO B 244 -11.78 13.32 -15.96
N ARG B 245 -11.33 13.96 -14.90
CA ARG B 245 -9.92 13.97 -14.56
C ARG B 245 -9.60 13.31 -13.23
N VAL B 246 -8.51 12.56 -13.23
CA VAL B 246 -7.98 12.01 -11.98
C VAL B 246 -6.56 12.59 -11.85
N ILE B 247 -6.35 13.32 -10.76
CA ILE B 247 -5.08 13.98 -10.51
C ILE B 247 -4.31 13.32 -9.37
N LEU B 248 -3.08 12.92 -9.61
CA LEU B 248 -2.23 12.38 -8.57
C LEU B 248 -1.50 13.48 -7.83
N GLY B 249 -1.58 13.52 -6.50
CA GLY B 249 -0.89 14.53 -5.70
C GLY B 249 -0.31 13.83 -4.47
N GLY B 250 0.57 14.47 -3.73
CA GLY B 250 1.14 13.82 -2.55
C GLY B 250 2.08 14.79 -1.84
N THR B 251 2.62 14.36 -0.70
CA THR B 251 3.52 15.19 0.07
C THR B 251 4.97 14.77 -0.08
N ALA B 252 5.20 13.66 -0.79
CA ALA B 252 6.51 13.10 -0.99
C ALA B 252 7.52 14.05 -1.61
N1 LLP B 253 5.09 10.37 -10.02
C2 LLP B 253 6.25 10.99 -10.35
C2' LLP B 253 6.33 11.63 -11.72
C3 LLP B 253 7.30 11.03 -9.48
O3 LLP B 253 8.46 11.64 -9.81
C4 LLP B 253 7.21 10.44 -8.26
C4' LLP B 253 8.37 10.49 -7.26
C5 LLP B 253 6.04 9.80 -7.92
C6 LLP B 253 4.98 9.77 -8.80
C5' LLP B 253 5.88 9.14 -6.55
OP4 LLP B 253 6.38 7.86 -6.59
P LLP B 253 6.84 7.17 -5.29
OP1 LLP B 253 8.02 6.47 -5.82
OP2 LLP B 253 5.71 6.16 -4.90
OP3 LLP B 253 7.16 8.08 -4.20
N LLP B 253 7.09 14.89 -2.55
CA LLP B 253 8.05 15.78 -3.21
CB LLP B 253 7.82 15.64 -4.73
CG LLP B 253 7.84 14.21 -5.25
CD LLP B 253 9.21 13.57 -5.19
CE LLP B 253 9.28 12.09 -5.50
NZ LLP B 253 8.33 11.57 -6.51
C LLP B 253 8.06 17.20 -2.68
O LLP B 253 9.14 17.73 -2.42
N ASN B 254 6.93 17.87 -2.47
CA ASN B 254 6.90 19.24 -1.96
C ASN B 254 7.22 19.37 -0.49
N LEU B 255 6.89 18.36 0.32
CA LEU B 255 7.18 18.41 1.75
C LEU B 255 8.29 17.43 2.10
N VAL B 256 9.10 17.03 1.14
CA VAL B 256 10.22 16.14 1.24
C VAL B 256 10.16 15.06 2.32
N VAL B 257 9.10 14.25 2.29
CA VAL B 257 8.86 13.11 3.15
C VAL B 257 8.31 11.94 2.33
N PRO B 258 9.08 11.49 1.34
CA PRO B 258 8.69 10.40 0.44
C PRO B 258 8.47 9.08 1.14
N GLY B 259 9.24 8.80 2.19
CA GLY B 259 9.12 7.56 2.93
C GLY B 259 7.86 7.43 3.76
N TRP B 260 7.11 8.50 3.99
CA TRP B 260 5.88 8.46 4.79
C TRP B 260 4.74 7.81 4.02
N ARG B 261 4.91 7.56 2.73
CA ARG B 261 3.96 6.92 1.85
C ARG B 261 2.56 7.52 1.92
N LEU B 262 2.44 8.82 1.66
CA LEU B 262 1.15 9.49 1.63
C LEU B 262 0.98 10.17 0.26
N GLY B 263 -0.16 9.89 -0.37
CA GLY B 263 -0.44 10.52 -1.67
C GLY B 263 -1.96 10.54 -1.81
N TRP B 264 -2.46 11.18 -2.86
CA TRP B 264 -3.90 11.19 -3.07
C TRP B 264 -4.24 11.18 -4.54
N LEU B 265 -5.47 10.77 -4.83
CA LEU B 265 -6.00 10.87 -6.19
C LEU B 265 -7.15 11.87 -6.07
N LEU B 266 -7.20 12.86 -6.95
CA LEU B 266 -8.27 13.85 -6.91
C LEU B 266 -9.12 13.75 -8.16
N TYR B 267 -10.35 13.28 -8.02
CA TYR B 267 -11.22 13.12 -9.20
C TYR B 267 -11.99 14.40 -9.45
N VAL B 268 -11.95 14.93 -10.68
CA VAL B 268 -12.64 16.16 -11.05
C VAL B 268 -13.54 15.89 -12.26
N ASP B 269 -14.85 16.01 -12.08
CA ASP B 269 -15.79 15.64 -13.14
C ASP B 269 -17.16 16.23 -12.83
N PRO B 270 -17.24 17.56 -12.88
CA PRO B 270 -18.48 18.27 -12.59
C PRO B 270 -19.64 17.95 -13.50
N HIS B 271 -19.42 17.64 -14.79
CA HIS B 271 -20.53 17.29 -15.67
C HIS B 271 -20.90 15.82 -15.61
N GLY B 272 -20.25 15.07 -14.73
CA GLY B 272 -20.50 13.67 -14.49
C GLY B 272 -20.37 12.77 -15.72
N ASN B 273 -19.23 12.82 -16.40
CA ASN B 273 -19.04 11.99 -17.57
C ASN B 273 -18.27 10.70 -17.30
N GLY B 274 -17.86 10.45 -16.07
CA GLY B 274 -17.13 9.22 -15.78
C GLY B 274 -17.08 8.86 -14.31
N PRO B 275 -18.25 8.71 -13.66
CA PRO B 275 -18.34 8.31 -12.28
C PRO B 275 -17.85 6.90 -12.00
N SER B 276 -17.82 6.01 -13.00
CA SER B 276 -17.28 4.68 -12.86
C SER B 276 -15.80 4.78 -12.47
N PHE B 277 -15.09 5.75 -13.04
CA PHE B 277 -13.68 5.98 -12.75
C PHE B 277 -13.46 6.18 -11.24
N LEU B 278 -14.22 7.04 -10.58
CA LEU B 278 -14.11 7.25 -9.15
C LEU B 278 -14.46 5.99 -8.36
N GLU B 279 -15.49 5.29 -8.82
CA GLU B 279 -15.92 4.06 -8.16
C GLU B 279 -14.83 3.00 -8.27
N GLY B 280 -14.21 2.88 -9.44
CA GLY B 280 -13.10 1.98 -9.68
C GLY B 280 -11.96 2.23 -8.72
N LEU B 281 -11.71 3.51 -8.46
CA LEU B 281 -10.69 3.96 -7.54
C LEU B 281 -10.99 3.46 -6.13
N LYS B 282 -12.25 3.55 -5.68
CA LYS B 282 -12.62 3.05 -4.36
C LYS B 282 -12.47 1.53 -4.29
N ARG B 283 -12.87 0.84 -5.34
CA ARG B 283 -12.78 -0.61 -5.45
C ARG B 283 -11.38 -1.15 -5.29
N VAL B 284 -10.48 -0.74 -6.18
CA VAL B 284 -9.08 -1.12 -6.22
C VAL B 284 -8.35 -0.84 -4.92
N GLY B 285 -8.69 0.25 -4.23
CA GLY B 285 -8.12 0.64 -2.98
C GLY B 285 -8.49 -0.25 -1.80
N MET B 286 -9.54 -1.04 -1.92
CA MET B 286 -9.98 -1.94 -0.86
C MET B 286 -9.07 -3.15 -0.73
N LEU B 287 -8.29 -3.45 -1.76
CA LEU B 287 -7.27 -4.47 -1.70
C LEU B 287 -6.14 -4.10 -0.74
N VAL B 288 -5.63 -2.87 -0.74
CA VAL B 288 -4.50 -2.50 0.11
C VAL B 288 -4.95 -1.83 1.39
N CYS B 289 -6.00 -1.04 1.35
CA CYS B 289 -6.63 -0.42 2.50
C CYS B 289 -5.99 0.84 3.08
N GLY B 290 -5.52 1.75 2.23
CA GLY B 290 -5.04 3.04 2.63
C GLY B 290 -3.72 3.19 3.34
N PRO B 291 -3.33 4.47 3.48
CA PRO B 291 -2.08 4.85 4.11
C PRO B 291 -2.15 4.92 5.62
N CYS B 292 -1.00 5.09 6.23
CA CYS B 292 -0.79 5.14 7.67
C CYS B 292 -1.66 6.25 8.26
N THR B 293 -2.58 5.88 9.14
CA THR B 293 -3.53 6.78 9.76
C THR B 293 -2.89 7.92 10.54
N VAL B 294 -1.79 7.64 11.22
CA VAL B 294 -1.08 8.67 11.98
C VAL B 294 -0.56 9.75 11.05
N VAL B 295 -0.09 9.39 9.86
CA VAL B 295 0.35 10.32 8.82
C VAL B 295 -0.82 11.10 8.23
N GLN B 296 -1.97 10.46 8.06
CA GLN B 296 -3.17 11.08 7.55
C GLN B 296 -3.71 12.15 8.50
N ALA B 297 -3.59 11.88 9.79
CA ALA B 297 -4.01 12.77 10.85
C ALA B 297 -3.17 14.03 10.95
N ALA B 298 -1.96 14.05 10.37
CA ALA B 298 -1.11 15.21 10.40
C ALA B 298 -1.22 16.00 9.09
N LEU B 299 -1.96 15.48 8.12
CA LEU B 299 -2.10 16.10 6.82
C LEU B 299 -2.81 17.44 6.77
N GLY B 300 -3.80 17.69 7.64
CA GLY B 300 -4.49 18.98 7.67
C GLY B 300 -3.49 20.09 7.97
N GLU B 301 -2.68 19.88 8.99
CA GLU B 301 -1.65 20.81 9.41
C GLU B 301 -0.56 20.97 8.38
N ALA B 302 -0.13 19.83 7.82
CA ALA B 302 0.93 19.82 6.83
C ALA B 302 0.61 20.72 5.65
N LEU B 303 -0.58 20.59 5.05
CA LEU B 303 -0.92 21.38 3.89
C LEU B 303 -1.44 22.78 4.22
N LEU B 304 -2.36 22.88 5.17
CA LEU B 304 -2.96 24.17 5.51
C LEU B 304 -2.27 24.95 6.60
N ASN B 305 -1.18 24.48 7.20
CA ASN B 305 -0.55 25.27 8.26
C ASN B 305 0.94 25.43 8.05
N THR B 306 1.42 24.93 6.92
CA THR B 306 2.83 25.15 6.58
C THR B 306 2.82 26.42 5.71
N PRO B 307 3.49 27.45 6.17
CA PRO B 307 3.57 28.70 5.43
C PRO B 307 4.10 28.44 4.02
N GLN B 308 3.59 29.20 3.05
CA GLN B 308 4.02 29.13 1.66
C GLN B 308 5.52 29.38 1.52
N GLU B 309 6.08 30.25 2.35
CA GLU B 309 7.49 30.56 2.38
C GLU B 309 8.32 29.29 2.53
N HIS B 310 7.95 28.36 3.39
CA HIS B 310 8.66 27.09 3.50
C HIS B 310 8.65 26.29 2.19
N LEU B 311 7.48 26.15 1.56
CA LEU B 311 7.41 25.38 0.32
C LEU B 311 8.26 26.06 -0.75
N ASP B 312 8.10 27.36 -0.92
CA ASP B 312 8.88 28.15 -1.85
C ASP B 312 10.37 28.06 -1.58
N GLN B 313 10.79 28.14 -0.33
CA GLN B 313 12.19 28.05 0.06
C GLN B 313 12.81 26.72 -0.31
N ILE B 314 12.05 25.64 -0.35
CA ILE B 314 12.58 24.33 -0.75
C ILE B 314 12.83 24.35 -2.24
N VAL B 315 11.89 24.91 -3.01
CA VAL B 315 12.06 25.02 -4.47
C VAL B 315 13.23 25.94 -4.78
N ALA B 316 13.32 27.06 -4.05
CA ALA B 316 14.39 28.04 -4.25
C ALA B 316 15.78 27.41 -4.08
N LYS B 317 15.95 26.51 -3.11
CA LYS B 317 17.20 25.79 -2.94
C LYS B 317 17.42 24.75 -4.04
N ILE B 318 16.34 24.16 -4.57
CA ILE B 318 16.49 23.20 -5.65
C ILE B 318 16.88 23.98 -6.92
N GLU B 319 16.26 25.12 -7.10
CA GLU B 319 16.51 26.01 -8.24
C GLU B 319 17.97 26.43 -8.31
N GLU B 320 18.54 26.88 -7.20
CA GLU B 320 19.95 27.26 -7.14
C GLU B 320 20.84 26.12 -7.58
N SER B 321 20.58 24.88 -7.15
CA SER B 321 21.37 23.74 -7.58
C SER B 321 21.10 23.37 -9.04
N ALA B 322 19.85 23.53 -9.45
CA ALA B 322 19.42 23.27 -10.82
C ALA B 322 20.10 24.24 -11.79
N MET B 323 20.11 25.52 -11.42
CA MET B 323 20.74 26.54 -12.24
C MET B 323 22.25 26.41 -12.25
N TYR B 324 22.88 25.96 -11.16
CA TYR B 324 24.32 25.72 -11.21
C TYR B 324 24.60 24.60 -12.21
N LEU B 325 23.83 23.52 -12.09
CA LEU B 325 24.02 22.38 -12.98
C LEU B 325 23.87 22.78 -14.43
N TYR B 326 22.78 23.46 -14.76
CA TYR B 326 22.49 23.92 -16.10
C TYR B 326 23.56 24.83 -16.70
N ASN B 327 24.06 25.82 -15.96
CA ASN B 327 25.08 26.71 -16.47
C ASN B 327 26.45 26.06 -16.61
N HIS B 328 26.80 25.00 -15.89
CA HIS B 328 28.11 24.40 -16.01
C HIS B 328 28.14 23.09 -16.79
N ILE B 329 27.07 22.32 -16.82
CA ILE B 329 27.03 21.07 -17.57
C ILE B 329 27.34 21.26 -19.04
N GLY B 330 26.92 22.35 -19.65
CA GLY B 330 27.14 22.72 -21.03
C GLY B 330 28.58 22.90 -21.44
N GLU B 331 29.51 23.13 -20.52
CA GLU B 331 30.93 23.18 -20.75
C GLU B 331 31.57 21.84 -21.05
N CYS B 332 30.85 20.73 -20.90
CA CYS B 332 31.41 19.42 -21.18
C CYS B 332 31.15 19.08 -22.65
N ILE B 333 32.18 18.62 -23.35
CA ILE B 333 32.01 18.29 -24.76
C ILE B 333 30.95 17.20 -24.88
N GLY B 334 29.94 17.48 -25.71
CA GLY B 334 28.86 16.56 -25.98
C GLY B 334 27.64 16.65 -25.09
N LEU B 335 27.66 17.48 -24.05
CA LEU B 335 26.48 17.55 -23.20
C LEU B 335 25.75 18.86 -23.46
N ALA B 336 24.55 18.74 -24.00
CA ALA B 336 23.69 19.87 -24.31
C ALA B 336 22.44 19.74 -23.44
N PRO B 337 22.41 20.44 -22.32
CA PRO B 337 21.32 20.36 -21.38
C PRO B 337 20.05 21.12 -21.72
N THR B 338 18.88 20.50 -21.52
CA THR B 338 17.62 21.22 -21.73
C THR B 338 17.41 22.01 -20.44
N MET B 339 16.64 23.08 -20.39
CA MET B 339 16.55 23.84 -19.13
C MET B 339 15.46 23.34 -18.20
N PRO B 340 15.81 23.14 -16.94
CA PRO B 340 14.89 22.70 -15.90
C PRO B 340 14.01 23.82 -15.40
N ARG B 341 12.70 23.61 -15.38
CA ARG B 341 11.73 24.61 -14.96
C ARG B 341 11.10 24.28 -13.60
N GLY B 342 11.31 23.05 -13.14
CA GLY B 342 10.73 22.63 -11.87
C GLY B 342 11.09 21.19 -11.54
N ALA B 343 10.29 20.56 -10.70
CA ALA B 343 10.57 19.18 -10.28
C ALA B 343 11.97 19.12 -9.70
N MET B 344 12.60 17.95 -9.73
CA MET B 344 13.91 17.74 -9.13
C MET B 344 14.97 17.20 -10.07
N TYR B 345 14.68 17.23 -11.37
CA TYR B 345 15.52 16.57 -12.35
C TYR B 345 16.02 17.53 -13.42
N LEU B 346 17.09 17.12 -14.08
CA LEU B 346 17.63 17.84 -15.21
C LEU B 346 17.91 16.77 -16.27
N MET B 347 17.39 17.05 -17.46
CA MET B 347 17.59 16.13 -18.58
C MET B 347 18.59 16.79 -19.52
N SER B 348 19.65 16.08 -19.86
CA SER B 348 20.66 16.63 -20.74
C SER B 348 20.83 15.71 -21.95
N ARG B 349 20.99 16.34 -23.10
CA ARG B 349 21.21 15.58 -24.34
C ARG B 349 22.66 15.16 -24.38
N ILE B 350 22.94 14.00 -24.98
CA ILE B 350 24.28 13.52 -25.15
C ILE B 350 24.56 13.42 -26.65
N ASP B 351 25.42 14.27 -27.21
CA ASP B 351 25.75 14.12 -28.64
C ASP B 351 26.86 13.08 -28.75
N LEU B 352 26.49 11.82 -28.85
CA LEU B 352 27.37 10.68 -28.96
C LEU B 352 28.34 10.70 -30.13
N GLU B 353 28.09 11.48 -31.15
CA GLU B 353 28.97 11.65 -32.29
C GLU B 353 30.26 12.35 -31.91
N LYS B 354 30.26 13.13 -30.84
CA LYS B 354 31.41 13.85 -30.33
C LYS B 354 32.41 13.00 -29.56
N TYR B 355 32.15 11.73 -29.32
CA TYR B 355 33.06 10.87 -28.59
C TYR B 355 33.54 9.74 -29.51
N ARG B 356 34.67 9.14 -29.22
CA ARG B 356 35.21 8.05 -30.02
C ARG B 356 34.85 6.67 -29.48
N ASP B 357 34.78 6.44 -28.18
CA ASP B 357 34.45 5.15 -27.61
C ASP B 357 32.97 5.06 -27.20
N ILE B 358 32.31 6.20 -27.07
CA ILE B 358 30.93 6.17 -26.59
C ILE B 358 29.89 6.15 -27.69
N LYS B 359 29.13 5.05 -27.75
CA LYS B 359 28.09 4.82 -28.72
C LYS B 359 26.68 5.02 -28.20
N THR B 360 26.34 4.54 -27.00
CA THR B 360 25.01 4.77 -26.46
C THR B 360 25.07 5.56 -25.15
N ASP B 361 23.88 5.84 -24.60
CA ASP B 361 23.79 6.58 -23.34
C ASP B 361 24.07 5.64 -22.17
N VAL B 362 23.88 4.34 -22.39
CA VAL B 362 24.17 3.34 -21.38
C VAL B 362 25.68 3.17 -21.23
N GLU B 363 26.39 3.31 -22.35
CA GLU B 363 27.84 3.28 -22.40
C GLU B 363 28.40 4.48 -21.64
N PHE B 364 27.78 5.63 -21.89
CA PHE B 364 28.12 6.87 -21.21
C PHE B 364 27.98 6.67 -19.70
N PHE B 365 26.85 6.11 -19.27
CA PHE B 365 26.58 5.80 -17.87
C PHE B 365 27.67 4.92 -17.25
N GLU B 366 27.94 3.78 -17.87
CA GLU B 366 28.91 2.82 -17.39
C GLU B 366 30.34 3.33 -17.35
N LYS B 367 30.82 3.93 -18.43
CA LYS B 367 32.20 4.42 -18.48
C LYS B 367 32.45 5.59 -17.54
N LEU B 368 31.48 6.49 -17.39
CA LEU B 368 31.63 7.64 -16.48
C LEU B 368 31.70 7.12 -15.06
N LEU B 369 30.87 6.13 -14.73
CA LEU B 369 30.85 5.49 -13.43
C LEU B 369 32.18 4.80 -13.15
N GLU B 370 32.60 3.97 -14.10
CA GLU B 370 33.83 3.22 -14.01
C GLU B 370 35.03 4.14 -13.80
N GLU B 371 35.16 5.19 -14.58
CA GLU B 371 36.28 6.11 -14.49
C GLU B 371 36.18 7.18 -13.43
N GLU B 372 35.16 8.04 -13.40
CA GLU B 372 35.10 9.10 -12.40
C GLU B 372 34.30 8.85 -11.13
N ASN B 373 33.63 7.73 -10.97
CA ASN B 373 32.78 7.41 -9.83
C ASN B 373 31.62 8.39 -9.65
N VAL B 374 31.04 8.81 -10.77
CA VAL B 374 29.86 9.68 -10.80
C VAL B 374 28.76 8.87 -11.49
N GLN B 375 27.69 8.59 -10.75
CA GLN B 375 26.59 7.78 -11.26
C GLN B 375 25.40 8.62 -11.71
N VAL B 376 25.15 8.65 -13.02
CA VAL B 376 24.00 9.35 -13.59
C VAL B 376 23.02 8.26 -14.08
N LEU B 377 21.86 8.61 -14.61
CA LEU B 377 20.94 7.58 -15.13
C LEU B 377 20.92 7.69 -16.66
N PRO B 378 21.02 6.55 -17.32
CA PRO B 378 20.96 6.48 -18.77
C PRO B 378 19.56 6.80 -19.24
N GLY B 379 19.38 7.75 -20.15
CA GLY B 379 18.08 8.10 -20.66
C GLY B 379 17.23 7.00 -21.25
N THR B 380 17.76 5.86 -21.67
CA THR B 380 17.07 4.74 -22.25
C THR B 380 16.07 4.12 -21.28
N ILE B 381 16.32 4.30 -20.00
CA ILE B 381 15.46 3.88 -18.90
C ILE B 381 14.09 4.56 -19.00
N PHE B 382 14.09 5.81 -19.45
CA PHE B 382 12.86 6.57 -19.55
C PHE B 382 12.35 6.61 -20.98
N HIS B 383 12.89 5.75 -21.83
CA HIS B 383 12.50 5.68 -23.23
C HIS B 383 12.98 6.93 -23.98
N ALA B 384 14.23 7.33 -23.74
CA ALA B 384 14.79 8.52 -24.39
C ALA B 384 16.27 8.35 -24.64
N PRO B 385 16.62 7.52 -25.61
CA PRO B 385 18.03 7.24 -25.91
C PRO B 385 18.72 8.53 -26.30
N GLY B 386 20.00 8.65 -25.92
CA GLY B 386 20.78 9.82 -26.25
C GLY B 386 20.66 10.93 -25.23
N PHE B 387 20.08 10.63 -24.08
CA PHE B 387 19.89 11.60 -23.00
C PHE B 387 20.35 10.99 -21.69
N THR B 388 20.47 11.81 -20.66
CA THR B 388 20.85 11.35 -19.34
C THR B 388 20.07 12.16 -18.31
N ARG B 389 19.55 11.52 -17.27
CA ARG B 389 18.82 12.24 -16.24
C ARG B 389 19.71 12.51 -15.02
N LEU B 390 19.71 13.74 -14.54
CA LEU B 390 20.49 14.07 -13.35
C LEU B 390 19.54 14.60 -12.27
N THR B 391 19.73 14.23 -11.01
CA THR B 391 18.89 14.84 -9.97
C THR B 391 19.45 16.23 -9.69
N THR B 392 18.64 17.15 -9.20
CA THR B 392 19.09 18.50 -8.92
C THR B 392 18.87 18.96 -7.49
N THR B 393 18.47 18.11 -6.57
CA THR B 393 18.21 18.45 -5.20
C THR B 393 19.41 18.40 -4.27
N ARG B 394 20.58 17.98 -4.74
CA ARG B 394 21.74 17.96 -3.85
C ARG B 394 22.39 19.32 -3.74
N PRO B 395 23.18 19.53 -2.69
CA PRO B 395 23.88 20.77 -2.47
C PRO B 395 24.73 21.18 -3.66
N VAL B 396 25.02 22.48 -3.80
CA VAL B 396 25.81 22.99 -4.90
C VAL B 396 27.22 22.41 -4.94
N GLU B 397 27.79 22.05 -3.80
CA GLU B 397 29.10 21.47 -3.66
C GLU B 397 29.22 20.11 -4.34
N VAL B 398 28.11 19.36 -4.40
CA VAL B 398 28.13 18.04 -5.05
C VAL B 398 28.25 18.25 -6.56
N TYR B 399 27.56 19.26 -7.08
CA TYR B 399 27.61 19.54 -8.51
C TYR B 399 28.94 20.15 -8.93
N ARG B 400 29.56 20.96 -8.07
CA ARG B 400 30.85 21.54 -8.44
C ARG B 400 31.90 20.46 -8.68
N GLU B 401 31.98 19.48 -7.78
CA GLU B 401 32.91 18.37 -7.93
C GLU B 401 32.48 17.42 -9.03
N ALA B 402 31.18 17.18 -9.18
CA ALA B 402 30.68 16.27 -10.20
C ALA B 402 30.92 16.81 -11.61
N VAL B 403 30.66 18.10 -11.82
CA VAL B 403 30.87 18.67 -13.14
C VAL B 403 32.34 18.61 -13.52
N GLU B 404 33.25 18.91 -12.60
CA GLU B 404 34.67 18.82 -12.83
C GLU B 404 35.13 17.46 -13.30
N ARG B 405 34.60 16.40 -12.71
CA ARG B 405 34.95 15.04 -13.11
C ARG B 405 34.32 14.71 -14.47
N ILE B 406 33.13 15.23 -14.74
CA ILE B 406 32.46 14.94 -16.02
C ILE B 406 33.13 15.69 -17.15
N LYS B 407 33.58 16.91 -16.88
CA LYS B 407 34.28 17.73 -17.85
C LYS B 407 35.62 17.08 -18.20
N ALA B 408 36.30 16.51 -17.20
CA ALA B 408 37.52 15.76 -17.45
C ALA B 408 37.20 14.54 -18.32
N PHE B 409 36.20 13.77 -17.89
CA PHE B 409 35.74 12.60 -18.61
C PHE B 409 35.41 12.89 -20.08
N CYS B 410 34.64 13.92 -20.35
CA CYS B 410 34.22 14.26 -21.70
C CYS B 410 35.37 14.74 -22.58
N GLN B 411 36.31 15.49 -22.00
CA GLN B 411 37.47 15.96 -22.75
C GLN B 411 38.41 14.82 -23.12
N ARG B 412 38.45 13.82 -22.27
CA ARG B 412 39.28 12.65 -22.42
C ARG B 412 38.77 11.69 -23.47
N HIS B 413 37.45 11.61 -23.67
CA HIS B 413 36.90 10.70 -24.66
C HIS B 413 36.47 11.45 -25.93
N ALA B 414 36.57 12.77 -25.93
CA ALA B 414 36.17 13.59 -27.07
C ALA B 414 36.92 13.23 -28.35
N ALA B 415 36.20 13.27 -29.47
CA ALA B 415 36.78 13.03 -30.79
C ALA B 415 37.15 14.40 -31.38
N VAL B 416 38.38 14.56 -31.84
CA VAL B 416 38.81 15.85 -32.38
C VAL B 416 38.42 16.03 -33.85
#